data_7OWZ
#
_entry.id   7OWZ
#
_cell.length_a   199.500
_cell.length_b   199.500
_cell.length_c   90.586
_cell.angle_alpha   90.000
_cell.angle_beta   90.000
_cell.angle_gamma   120.000
#
_symmetry.space_group_name_H-M   'P 62 2 2'
#
loop_
_entity.id
_entity.type
_entity.pdbx_description
1 polymer 'Queuine tRNA-ribosyltransferase accessory subunit 2'
2 polymer 'Queuine tRNA-ribosyltransferase catalytic subunit 1'
3 non-polymer 6-tungstotellurate(VI)
4 non-polymer 'ZINC ION'
5 non-polymer 2-amino-5-({[(1S,4S,5R)-4,5-dihydroxycyclopent-2-en-1-yl]amino}methyl)-3,7-dihydro-4H-pyrrolo[2,3-d]pyrimidin-4-one
6 non-polymer pentadecaoxodiphosphopentatungstate
7 water water
#
loop_
_entity_poly.entity_id
_entity_poly.type
_entity_poly.pdbx_seq_one_letter_code
_entity_poly.pdbx_strand_id
1 'polypeptide(L)'
;GPKLSLIKVVNGCRLGKIQNLGKAGDCTVDIPGCLLYTRTGSAPHLTHQTLRNIHGVPGIAQLTLSSLAEHHEVLAEYKK
GVGSFIGMPESLFYCSLHDPVTPGPAGYVTSKSVSVWGFGGRVEMTVSKFMAIQEALQPDWFQCLSDGEASCAETTSIKR
ARKSVDRSLLFLDSCLRLQEESEVLQKSVIIGVIEGGDVMEERLRSARETAKRPVGGFLLDGFQGDPAVTETRLHLLSSV
TAELPEDKPRLICGVSRPDEVLECIERGVDLFESFFPYQVTERGCALTFTFDCQLNPEETLLQQNGIQEKIKGLDQAKKI
EATGCNQEMTSFEINLKEKKYQEDFDPLVRGCSCYCCKNHTRAYIHHLLMTNELLAGVLLMMHNFEHYFGFFCSIREALK
NDTLAQLKELICRQMFDNN
;
A
2 'polypeptide(L)'
;GPESAPRIMRLVAECSRSGARAGELRLPHGTVATPVFMPVGTQATMKGITTEQLDSLGCRICLGNTYHLGLRPGPELIRK
AQGLHGFMNWPHNLLTDSGGFQMVSLFSLSEVTEEGVHFRSPYDGEETLLSPERSVEIQNALGSDIIMQLDHVVSSTVTG
PLVEEAMHRSVRWLDRCIAAHKHPDKQNLFAIIQGGLNADLRTTCLKEMTKRDVPGFAIGGLSGGESKAQFWKMVALSTS
MLPKDKPRYLMGVGYATDLVVCVALGCDMFDCVYPTRTARFGSALVPTGNLQLKKKQYAKDFSPINPECPCPTCQTHSRA
FLHALLHSDNTTALHHLTVHNIAYQLQLLSAVRSSILEQRFPDFVRNFMRTMYGDHSLCPAWAVEALASVGIMLT
;
C
#
loop_
_chem_comp.id
_chem_comp.type
_chem_comp.name
_chem_comp.formula
2I2 non-polymer pentadecaoxodiphosphopentatungstate 'H10 O23 P2 W5 4'
QEI non-polymer 2-amino-5-({[(1S,4S,5R)-4,5-dihydroxycyclopent-2-en-1-yl]amino}methyl)-3,7-dihydro-4H-pyrrolo[2,3-d]pyrimidin-4-one 'C12 H15 N5 O3'
TEW non-polymer 6-tungstotellurate(VI) 'O24 Te W6 -6'
ZN non-polymer 'ZINC ION' 'Zn 2'
#
# COMPACT_ATOMS: atom_id res chain seq x y z
N PRO A 2 12.37 28.60 17.91
CA PRO A 2 12.62 27.26 18.44
C PRO A 2 13.46 27.30 19.72
N LYS A 3 12.82 27.11 20.87
CA LYS A 3 13.51 27.14 22.16
C LYS A 3 14.14 25.78 22.40
N LEU A 4 15.46 25.69 22.20
CA LEU A 4 16.19 24.46 22.43
C LEU A 4 16.70 24.41 23.87
N SER A 5 16.55 23.26 24.51
CA SER A 5 17.00 23.06 25.89
C SER A 5 17.79 21.77 25.95
N LEU A 6 19.05 21.86 26.38
CA LEU A 6 19.93 20.71 26.48
C LEU A 6 19.90 20.16 27.91
N ILE A 7 19.59 18.87 28.03
CA ILE A 7 19.62 18.21 29.33
C ILE A 7 21.06 18.11 29.83
N LYS A 8 21.95 17.56 29.00
CA LYS A 8 23.37 17.51 29.33
C LYS A 8 24.15 17.24 28.05
N VAL A 9 25.46 17.48 28.13
CA VAL A 9 26.38 17.22 27.04
C VAL A 9 27.50 16.34 27.59
N VAL A 10 27.50 15.07 27.20
CA VAL A 10 28.49 14.10 27.65
C VAL A 10 29.24 13.59 26.43
N ASN A 11 30.56 13.75 26.44
CA ASN A 11 31.42 13.34 25.33
C ASN A 11 31.05 14.05 24.03
N GLY A 12 30.50 15.25 24.13
CA GLY A 12 30.10 16.03 22.98
C GLY A 12 28.71 15.77 22.45
N CYS A 13 27.98 14.82 23.04
CA CYS A 13 26.64 14.47 22.58
C CYS A 13 25.61 15.35 23.26
N ARG A 14 24.77 16.00 22.47
CA ARG A 14 23.77 16.93 22.98
C ARG A 14 22.47 16.18 23.24
N LEU A 15 22.09 16.06 24.51
CA LEU A 15 20.84 15.44 24.93
C LEU A 15 19.89 16.54 25.37
N GLY A 16 18.73 16.61 24.72
CA GLY A 16 17.76 17.65 25.06
C GLY A 16 16.46 17.59 24.27
N LYS A 17 15.83 18.76 24.09
CA LYS A 17 14.55 18.83 23.41
C LYS A 17 14.34 20.24 22.88
N ILE A 18 13.61 20.33 21.77
CA ILE A 18 13.28 21.59 21.13
C ILE A 18 11.79 21.83 21.37
N GLN A 19 11.48 22.83 22.19
CA GLN A 19 10.10 23.15 22.54
C GLN A 19 9.62 24.36 21.74
N ASN A 20 8.33 24.69 21.91
CA ASN A 20 7.69 25.81 21.24
C ASN A 20 7.80 25.68 19.72
N LEU A 21 7.24 24.60 19.20
CA LEU A 21 7.28 24.29 17.78
C LEU A 21 5.86 24.09 17.24
N GLY A 22 5.67 24.45 15.98
CA GLY A 22 4.42 24.22 15.29
C GLY A 22 3.54 25.46 15.24
N LYS A 23 2.46 25.33 14.48
CA LYS A 23 1.50 26.43 14.37
C LYS A 23 0.90 26.78 15.72
N ALA A 24 0.61 25.77 16.54
CA ALA A 24 0.12 26.00 17.89
C ALA A 24 1.24 26.24 18.89
N GLY A 25 2.49 26.02 18.50
CA GLY A 25 3.60 26.14 19.43
C GLY A 25 3.65 25.10 20.51
N ASP A 26 2.80 24.07 20.43
CA ASP A 26 2.74 23.04 21.47
C ASP A 26 3.29 21.72 20.97
N CYS A 27 4.54 21.73 20.48
CA CYS A 27 5.20 20.52 20.00
C CYS A 27 6.63 20.48 20.52
N THR A 28 7.17 19.28 20.64
CA THR A 28 8.52 19.06 21.12
C THR A 28 9.21 18.02 20.28
N VAL A 29 10.51 18.20 20.07
CA VAL A 29 11.33 17.25 19.32
C VAL A 29 12.55 16.93 20.16
N ASP A 30 12.70 15.66 20.54
CA ASP A 30 13.83 15.24 21.35
C ASP A 30 15.08 15.09 20.47
N ILE A 31 16.20 15.58 21.00
CA ILE A 31 17.49 15.46 20.30
C ILE A 31 18.43 14.63 21.16
N PRO A 32 19.24 13.74 20.55
CA PRO A 32 19.28 13.52 19.11
C PRO A 32 18.14 12.63 18.62
N GLY A 33 17.65 12.90 17.41
CA GLY A 33 16.56 12.14 16.84
C GLY A 33 16.65 12.12 15.33
N CYS A 34 15.66 11.48 14.72
CA CYS A 34 15.56 11.41 13.27
C CYS A 34 14.21 11.98 12.83
N LEU A 35 14.14 12.35 11.55
CA LEU A 35 12.90 12.83 10.96
C LEU A 35 12.27 11.72 10.13
N LEU A 36 10.94 11.73 10.07
CA LEU A 36 10.24 10.77 9.22
C LEU A 36 10.55 11.06 7.76
N TYR A 37 11.05 10.05 7.05
CA TYR A 37 11.39 10.19 5.64
C TYR A 37 10.15 9.98 4.79
N THR A 38 9.93 10.89 3.84
CA THR A 38 8.78 10.83 2.94
C THR A 38 9.24 11.02 1.50
N ARG A 39 8.36 10.65 0.57
CA ARG A 39 8.56 10.87 -0.85
C ARG A 39 7.24 11.33 -1.45
N THR A 40 7.24 12.51 -2.06
CA THR A 40 6.02 13.16 -2.55
C THR A 40 4.98 13.25 -1.44
N GLY A 41 5.42 13.74 -0.29
CA GLY A 41 4.52 13.94 0.84
C GLY A 41 3.97 12.68 1.46
N SER A 42 4.61 11.54 1.24
CA SER A 42 4.14 10.28 1.79
C SER A 42 5.33 9.44 2.25
N ALA A 43 5.21 8.86 3.44
CA ALA A 43 6.16 7.84 3.85
C ALA A 43 6.10 6.68 2.86
N PRO A 44 7.24 6.21 2.35
CA PRO A 44 7.21 5.20 1.29
C PRO A 44 6.53 3.91 1.74
N HIS A 45 5.69 3.37 0.86
CA HIS A 45 4.92 2.14 1.04
C HIS A 45 3.84 2.24 2.10
N LEU A 46 3.70 3.37 2.79
CA LEU A 46 2.84 3.48 3.96
C LEU A 46 1.84 4.60 3.77
N THR A 47 0.56 4.25 3.73
CA THR A 47 -0.49 5.25 3.78
C THR A 47 -0.59 5.80 5.20
N HIS A 48 -1.41 6.85 5.35
CA HIS A 48 -1.66 7.41 6.67
C HIS A 48 -2.24 6.35 7.62
N GLN A 49 -2.89 5.33 7.06
CA GLN A 49 -3.47 4.25 7.86
C GLN A 49 -2.38 3.31 8.36
N THR A 50 -1.53 2.82 7.46
CA THR A 50 -0.46 1.91 7.88
C THR A 50 0.59 2.63 8.71
N LEU A 51 0.75 3.94 8.52
CA LEU A 51 1.73 4.68 9.30
C LEU A 51 1.37 4.71 10.78
N ARG A 52 0.08 4.70 11.10
CA ARG A 52 -0.35 4.66 12.49
C ARG A 52 -0.03 3.34 13.18
N ASN A 53 0.29 2.30 12.40
CA ASN A 53 0.64 1.00 12.97
C ASN A 53 2.07 0.93 13.49
N ILE A 54 2.87 1.99 13.31
CA ILE A 54 4.27 2.00 13.73
C ILE A 54 4.38 2.73 15.06
N HIS A 55 5.20 2.19 15.95
CA HIS A 55 5.46 2.82 17.24
C HIS A 55 6.64 3.79 17.12
N GLY A 56 6.56 4.88 17.86
CA GLY A 56 7.67 5.81 17.94
C GLY A 56 7.95 6.60 16.68
N VAL A 57 6.91 6.92 15.91
CA VAL A 57 7.11 7.76 14.71
C VAL A 57 7.50 9.16 15.16
N PRO A 58 8.56 9.75 14.60
CA PRO A 58 8.93 11.11 14.98
C PRO A 58 7.81 12.11 14.73
N GLY A 59 7.77 13.16 15.56
CA GLY A 59 6.78 14.21 15.40
C GLY A 59 7.06 15.18 14.28
N ILE A 60 8.26 15.15 13.70
CA ILE A 60 8.64 16.01 12.59
C ILE A 60 8.99 15.11 11.41
N ALA A 61 8.44 15.44 10.24
CA ALA A 61 8.67 14.69 9.01
C ALA A 61 9.46 15.54 8.03
N GLN A 62 10.23 14.87 7.17
CA GLN A 62 11.04 15.54 6.17
C GLN A 62 10.34 15.51 4.82
N LEU A 63 10.21 16.69 4.21
CA LEU A 63 9.78 16.81 2.83
C LEU A 63 10.96 17.26 1.98
N THR A 64 10.89 16.94 0.69
CA THR A 64 11.95 17.31 -0.26
C THR A 64 11.34 18.15 -1.36
N LEU A 65 11.98 19.28 -1.68
CA LEU A 65 11.53 20.09 -2.81
C LEU A 65 11.61 19.31 -4.12
N SER A 66 12.56 18.37 -4.22
CA SER A 66 12.70 17.61 -5.45
C SER A 66 11.46 16.79 -5.76
N SER A 67 10.71 16.39 -4.75
CA SER A 67 9.50 15.59 -4.95
C SER A 67 8.22 16.42 -4.98
N LEU A 68 8.29 17.70 -4.61
CA LEU A 68 7.09 18.53 -4.48
C LEU A 68 7.11 19.80 -5.30
N ALA A 69 8.26 20.24 -5.80
CA ALA A 69 8.34 21.51 -6.51
C ALA A 69 7.46 21.50 -7.75
N GLU A 70 7.37 20.36 -8.43
CA GLU A 70 6.54 20.27 -9.63
C GLU A 70 5.05 20.36 -9.31
N HIS A 71 4.66 20.29 -8.04
CA HIS A 71 3.29 20.47 -7.60
C HIS A 71 3.06 21.85 -7.01
N HIS A 72 3.77 22.86 -7.52
CA HIS A 72 3.70 24.20 -6.95
C HIS A 72 2.34 24.84 -7.21
N GLU A 73 1.87 24.79 -8.45
CA GLU A 73 0.61 25.44 -8.81
C GLU A 73 -0.56 24.82 -8.07
N VAL A 74 -0.53 23.51 -7.85
CA VAL A 74 -1.63 22.83 -7.15
C VAL A 74 -1.68 23.29 -5.69
N LEU A 75 -0.54 23.25 -5.00
CA LEU A 75 -0.52 23.67 -3.60
C LEU A 75 -0.77 25.16 -3.45
N ALA A 76 -0.44 25.95 -4.47
CA ALA A 76 -0.73 27.39 -4.41
C ALA A 76 -2.23 27.63 -4.45
N GLU A 77 -2.94 26.93 -5.34
CA GLU A 77 -4.40 27.04 -5.38
C GLU A 77 -5.02 26.42 -4.14
N TYR A 78 -4.34 25.47 -3.50
CA TYR A 78 -4.88 24.83 -2.31
C TYR A 78 -4.77 25.74 -1.08
N LYS A 79 -3.71 26.55 -1.01
CA LYS A 79 -3.57 27.64 -0.04
C LYS A 79 -3.36 27.18 1.39
N LYS A 80 -3.80 25.97 1.73
CA LYS A 80 -3.85 25.54 3.12
C LYS A 80 -2.58 24.83 3.59
N GLY A 81 -1.53 24.80 2.78
CA GLY A 81 -0.27 24.21 3.19
C GLY A 81 -0.16 22.73 2.84
N VAL A 82 1.08 22.26 2.78
CA VAL A 82 1.34 20.90 2.32
C VAL A 82 0.92 19.87 3.36
N GLY A 83 1.05 20.19 4.66
CA GLY A 83 0.70 19.23 5.69
C GLY A 83 -0.77 18.84 5.63
N SER A 84 -1.65 19.83 5.48
CA SER A 84 -3.07 19.53 5.31
C SER A 84 -3.36 18.94 3.94
N PHE A 85 -2.54 19.26 2.94
CA PHE A 85 -2.79 18.76 1.59
C PHE A 85 -2.54 17.26 1.49
N ILE A 86 -1.56 16.76 2.24
CA ILE A 86 -1.17 15.35 2.14
C ILE A 86 -1.87 14.56 3.23
N GLY A 87 -2.87 15.17 3.86
CA GLY A 87 -3.60 14.51 4.93
C GLY A 87 -2.79 14.22 6.17
N MET A 88 -1.75 15.00 6.43
CA MET A 88 -0.92 14.84 7.63
C MET A 88 -0.78 16.18 8.35
N PRO A 89 -1.90 16.81 8.75
CA PRO A 89 -1.80 18.15 9.34
C PRO A 89 -1.27 18.16 10.77
N GLU A 90 -1.14 17.00 11.41
CA GLU A 90 -0.71 16.95 12.80
C GLU A 90 0.81 16.92 12.97
N SER A 91 1.55 16.61 11.91
CA SER A 91 2.99 16.46 12.00
C SER A 91 3.70 17.78 11.72
N LEU A 92 4.91 17.89 12.26
CA LEU A 92 5.82 18.96 11.86
C LEU A 92 6.49 18.59 10.54
N PHE A 93 6.89 19.60 9.79
CA PHE A 93 7.46 19.37 8.46
C PHE A 93 8.69 20.26 8.26
N TYR A 94 9.81 19.61 7.97
CA TYR A 94 11.03 20.29 7.52
C TYR A 94 11.23 19.95 6.06
N CYS A 95 11.23 20.96 5.21
CA CYS A 95 11.40 20.78 3.77
C CYS A 95 12.86 20.99 3.42
N SER A 96 13.53 19.91 2.98
CA SER A 96 14.89 20.01 2.48
C SER A 96 14.87 20.25 0.98
N LEU A 97 16.05 20.58 0.44
CA LEU A 97 16.15 20.91 -0.98
C LEU A 97 16.08 19.66 -1.85
N HIS A 98 16.99 18.72 -1.64
CA HIS A 98 17.08 17.51 -2.47
C HIS A 98 16.65 16.29 -1.67
N ASP A 99 16.34 15.22 -2.40
CA ASP A 99 16.08 13.93 -1.81
C ASP A 99 17.39 13.17 -1.61
N PRO A 100 17.59 12.54 -0.45
CA PRO A 100 18.90 11.92 -0.18
C PRO A 100 19.18 10.68 -1.01
N VAL A 101 18.16 9.98 -1.47
CA VAL A 101 18.38 8.74 -2.21
C VAL A 101 18.40 8.99 -3.72
N THR A 102 17.51 9.84 -4.22
CA THR A 102 17.45 10.17 -5.64
C THR A 102 17.54 11.69 -5.79
N PRO A 103 18.75 12.24 -5.73
CA PRO A 103 18.90 13.70 -5.75
C PRO A 103 18.89 14.30 -7.15
N GLY A 104 19.34 13.54 -8.13
CA GLY A 104 19.42 14.03 -9.49
C GLY A 104 20.85 14.40 -9.87
N PRO A 105 21.07 14.74 -11.13
CA PRO A 105 22.42 15.04 -11.58
C PRO A 105 22.92 16.36 -11.04
N ALA A 106 24.23 16.42 -10.76
CA ALA A 106 24.87 17.64 -10.30
C ALA A 106 25.20 18.54 -11.49
N GLY A 107 25.62 19.76 -11.17
CA GLY A 107 26.04 20.70 -12.19
C GLY A 107 24.98 21.65 -12.68
N TYR A 108 23.91 21.88 -11.89
CA TYR A 108 22.87 22.83 -12.25
C TYR A 108 22.76 23.96 -11.24
N VAL A 109 23.81 24.21 -10.47
CA VAL A 109 23.82 25.26 -9.45
C VAL A 109 24.56 26.45 -10.03
N THR A 110 23.90 27.61 -10.03
CA THR A 110 24.51 28.87 -10.42
C THR A 110 24.23 29.90 -9.34
N SER A 111 24.79 31.10 -9.51
CA SER A 111 24.49 32.20 -8.60
C SER A 111 23.07 32.74 -8.77
N LYS A 112 22.37 32.33 -9.82
CA LYS A 112 21.03 32.83 -10.10
C LYS A 112 19.93 31.79 -9.88
N SER A 113 20.24 30.50 -10.00
CA SER A 113 19.19 29.49 -9.85
C SER A 113 19.80 28.18 -9.39
N VAL A 114 18.95 27.34 -8.80
CA VAL A 114 19.28 25.98 -8.42
C VAL A 114 18.16 25.08 -8.91
N SER A 115 18.51 23.89 -9.37
CA SER A 115 17.54 22.96 -9.94
C SER A 115 17.36 21.74 -9.05
N VAL A 116 16.13 21.23 -9.02
CA VAL A 116 15.80 19.96 -8.38
C VAL A 116 15.12 19.08 -9.42
N TRP A 117 15.01 17.79 -9.09
CA TRP A 117 14.47 16.81 -10.03
C TRP A 117 13.34 16.02 -9.38
N GLY A 118 12.21 15.95 -10.07
CA GLY A 118 11.09 15.14 -9.63
C GLY A 118 10.63 14.16 -10.68
N PHE A 119 9.45 13.58 -10.47
CA PHE A 119 8.93 12.58 -11.40
C PHE A 119 8.66 13.18 -12.77
N GLY A 120 8.20 14.44 -12.83
CA GLY A 120 7.94 15.07 -14.11
C GLY A 120 9.16 15.63 -14.81
N GLY A 121 10.28 15.78 -14.10
CA GLY A 121 11.46 16.35 -14.70
C GLY A 121 12.18 17.36 -13.83
N ARG A 122 12.97 18.23 -14.47
CA ARG A 122 13.76 19.23 -13.75
C ARG A 122 12.93 20.47 -13.49
N VAL A 123 13.11 21.03 -12.30
CA VAL A 123 12.45 22.28 -11.91
C VAL A 123 13.54 23.27 -11.53
N GLU A 124 13.72 24.28 -12.36
CA GLU A 124 14.68 25.35 -12.10
C GLU A 124 14.01 26.43 -11.27
N MET A 125 14.63 26.82 -10.17
CA MET A 125 14.03 27.80 -9.27
C MET A 125 15.09 28.81 -8.84
N THR A 126 14.80 30.09 -9.07
CA THR A 126 15.57 31.17 -8.49
C THR A 126 15.19 31.33 -7.02
N VAL A 127 15.79 32.32 -6.35
CA VAL A 127 15.44 32.60 -4.97
C VAL A 127 13.98 33.03 -4.87
N SER A 128 13.50 33.79 -5.86
CA SER A 128 12.10 34.21 -5.88
C SER A 128 11.18 33.01 -6.02
N LYS A 129 11.45 32.15 -7.00
CA LYS A 129 10.61 30.97 -7.19
C LYS A 129 10.70 30.03 -6.00
N PHE A 130 11.89 29.92 -5.39
CA PHE A 130 12.06 29.07 -4.22
C PHE A 130 11.18 29.53 -3.08
N MET A 131 11.19 30.84 -2.79
CA MET A 131 10.37 31.36 -1.70
C MET A 131 8.89 31.32 -2.05
N ALA A 132 8.55 31.40 -3.34
CA ALA A 132 7.16 31.25 -3.74
C ALA A 132 6.66 29.83 -3.50
N ILE A 133 7.54 28.84 -3.66
CA ILE A 133 7.13 27.46 -3.44
C ILE A 133 7.01 27.17 -1.95
N GLN A 134 7.94 27.68 -1.14
CA GLN A 134 7.80 27.54 0.31
C GLN A 134 6.57 28.27 0.82
N GLU A 135 6.19 29.37 0.17
CA GLU A 135 4.98 30.08 0.56
C GLU A 135 3.74 29.25 0.28
N ALA A 136 3.81 28.35 -0.70
CA ALA A 136 2.73 27.42 -0.99
C ALA A 136 2.79 26.18 -0.11
N LEU A 137 3.98 25.62 0.09
CA LEU A 137 4.10 24.45 0.96
C LEU A 137 3.82 24.81 2.41
N GLN A 138 4.26 25.97 2.85
CA GLN A 138 4.13 26.42 4.23
C GLN A 138 4.67 25.39 5.23
N PRO A 139 5.95 25.04 5.13
CA PRO A 139 6.52 24.09 6.09
C PRO A 139 6.88 24.78 7.41
N ASP A 140 6.96 23.96 8.46
CA ASP A 140 7.43 24.47 9.74
C ASP A 140 8.87 24.96 9.62
N TRP A 141 9.76 24.09 9.18
CA TRP A 141 11.13 24.45 8.83
C TRP A 141 11.34 24.21 7.34
N PHE A 142 12.30 24.92 6.77
CA PHE A 142 12.71 24.62 5.40
C PHE A 142 14.17 25.00 5.21
N GLN A 143 14.91 24.11 4.57
CA GLN A 143 16.29 24.40 4.20
C GLN A 143 16.34 25.58 3.23
N CYS A 144 17.22 26.53 3.49
CA CYS A 144 17.40 27.64 2.58
C CYS A 144 18.07 27.17 1.30
N LEU A 145 17.81 27.89 0.21
CA LEU A 145 18.48 27.60 -1.05
C LEU A 145 19.99 27.73 -0.88
N SER A 146 20.73 26.73 -1.36
CA SER A 146 22.15 26.66 -1.06
C SER A 146 22.90 25.97 -2.19
N ASP A 147 24.22 26.12 -2.16
CA ASP A 147 25.13 25.51 -3.11
C ASP A 147 25.92 24.43 -2.38
N GLY A 148 25.49 23.18 -2.53
CA GLY A 148 26.17 22.05 -1.92
C GLY A 148 26.97 21.19 -2.87
N GLU A 149 27.25 21.66 -4.08
CA GLU A 149 27.94 20.86 -5.08
C GLU A 149 29.45 21.07 -5.08
N ALA A 150 29.97 21.88 -4.16
CA ALA A 150 31.41 21.88 -3.94
C ALA A 150 31.86 20.56 -3.33
N SER A 151 30.98 19.88 -2.61
CA SER A 151 31.26 18.57 -2.04
C SER A 151 30.82 17.52 -3.04
N CYS A 152 31.79 16.98 -3.80
CA CYS A 152 31.51 15.92 -4.75
C CYS A 152 32.71 15.00 -4.81
N ALA A 153 32.51 13.84 -5.46
CA ALA A 153 33.59 12.87 -5.57
C ALA A 153 34.73 13.38 -6.43
N GLU A 154 34.43 14.24 -7.40
CA GLU A 154 35.48 14.79 -8.26
C GLU A 154 36.37 15.75 -7.48
N THR A 155 37.62 15.86 -7.92
CA THR A 155 38.59 16.75 -7.29
C THR A 155 38.10 18.20 -7.36
N THR A 156 37.54 18.70 -6.27
CA THR A 156 36.98 20.05 -6.24
C THR A 156 38.07 21.08 -6.04
N SER A 157 37.87 22.25 -6.64
CA SER A 157 38.81 23.36 -6.50
C SER A 157 38.56 24.11 -5.20
N ILE A 158 39.60 24.79 -4.73
CA ILE A 158 39.45 25.64 -3.55
C ILE A 158 38.54 26.82 -3.85
N LYS A 159 38.67 27.39 -5.05
CA LYS A 159 37.78 28.49 -5.45
C LYS A 159 36.33 28.03 -5.54
N ARG A 160 36.10 26.77 -5.94
CA ARG A 160 34.75 26.23 -5.97
C ARG A 160 34.18 26.11 -4.57
N ALA A 161 34.99 25.64 -3.61
CA ALA A 161 34.55 25.60 -2.22
C ALA A 161 34.36 27.01 -1.68
N ARG A 162 35.20 27.96 -2.09
CA ARG A 162 35.01 29.35 -1.68
C ARG A 162 33.74 29.92 -2.27
N LYS A 163 33.38 29.51 -3.49
CA LYS A 163 32.18 30.03 -4.13
C LYS A 163 30.93 29.51 -3.44
N SER A 164 30.92 28.23 -3.04
CA SER A 164 29.74 27.67 -2.39
C SER A 164 29.42 28.37 -1.09
N VAL A 165 30.42 28.93 -0.42
CA VAL A 165 30.17 29.67 0.82
C VAL A 165 29.50 31.00 0.50
N ASP A 166 30.08 31.76 -0.45
CA ASP A 166 29.52 33.07 -0.79
C ASP A 166 28.18 32.94 -1.51
N ARG A 167 28.05 31.93 -2.38
CA ARG A 167 26.80 31.75 -3.12
C ARG A 167 25.67 31.39 -2.18
N SER A 168 25.92 30.49 -1.21
CA SER A 168 24.89 30.13 -0.25
C SER A 168 24.56 31.30 0.68
N LEU A 169 25.55 32.12 1.01
CA LEU A 169 25.28 33.31 1.82
C LEU A 169 24.43 34.32 1.06
N LEU A 170 24.74 34.53 -0.22
CA LEU A 170 23.92 35.41 -1.05
C LEU A 170 22.49 34.89 -1.15
N PHE A 171 22.34 33.56 -1.29
CA PHE A 171 21.01 32.97 -1.27
C PHE A 171 20.33 33.17 0.08
N LEU A 172 21.10 33.09 1.17
CA LEU A 172 20.54 33.22 2.51
C LEU A 172 20.01 34.64 2.73
N ASP A 173 20.83 35.65 2.46
CA ASP A 173 20.40 37.02 2.66
C ASP A 173 19.24 37.39 1.75
N SER A 174 19.17 36.80 0.56
CA SER A 174 18.05 37.07 -0.33
C SER A 174 16.75 36.45 0.20
N CYS A 175 16.83 35.23 0.72
CA CYS A 175 15.63 34.58 1.25
C CYS A 175 15.12 35.30 2.51
N LEU A 176 16.02 35.90 3.29
CA LEU A 176 15.59 36.61 4.49
C LEU A 176 14.87 37.91 4.13
N ARG A 177 15.32 38.59 3.07
CA ARG A 177 14.61 39.77 2.61
C ARG A 177 13.24 39.41 2.06
N LEU A 178 13.15 38.30 1.33
CA LEU A 178 11.86 37.88 0.79
C LEU A 178 10.93 37.38 1.89
N GLN A 179 11.47 36.66 2.87
CA GLN A 179 10.64 36.16 3.96
C GLN A 179 10.05 37.31 4.77
N GLU A 180 10.84 38.37 5.00
CA GLU A 180 10.36 39.52 5.76
C GLU A 180 9.25 40.27 5.04
N GLU A 181 9.09 40.06 3.74
CA GLU A 181 8.05 40.72 2.95
C GLU A 181 6.84 39.83 2.72
N SER A 182 6.74 38.70 3.42
CA SER A 182 5.63 37.77 3.26
C SER A 182 5.03 37.46 4.62
N GLU A 183 3.72 37.61 4.73
CA GLU A 183 3.04 37.30 5.99
C GLU A 183 3.08 35.79 6.27
N VAL A 184 2.88 34.97 5.23
CA VAL A 184 2.82 33.53 5.43
C VAL A 184 4.19 32.98 5.77
N LEU A 185 5.22 33.38 5.01
CA LEU A 185 6.56 32.83 5.20
C LEU A 185 7.18 33.28 6.53
N GLN A 186 6.66 34.33 7.15
CA GLN A 186 7.19 34.73 8.45
C GLN A 186 6.89 33.69 9.51
N LYS A 187 5.86 32.87 9.31
CA LYS A 187 5.55 31.79 10.24
C LYS A 187 6.53 30.63 10.13
N SER A 188 7.18 30.47 8.98
CA SER A 188 8.12 29.38 8.80
C SER A 188 9.49 29.75 9.37
N VAL A 189 10.32 28.73 9.57
CA VAL A 189 11.65 28.88 10.13
C VAL A 189 12.66 28.50 9.07
N ILE A 190 13.50 29.46 8.67
CA ILE A 190 14.54 29.19 7.69
C ILE A 190 15.72 28.53 8.38
N ILE A 191 16.38 27.61 7.68
CA ILE A 191 17.52 26.87 8.21
C ILE A 191 18.73 27.23 7.36
N GLY A 192 19.76 27.79 8.01
CA GLY A 192 21.00 28.05 7.31
C GLY A 192 21.69 26.76 6.92
N VAL A 193 22.45 26.83 5.82
CA VAL A 193 23.12 25.67 5.26
C VAL A 193 24.62 25.94 5.29
N ILE A 194 25.36 25.09 5.98
CA ILE A 194 26.81 25.22 6.09
C ILE A 194 27.45 24.52 4.91
N GLU A 195 28.22 25.26 4.11
CA GLU A 195 28.92 24.68 2.98
C GLU A 195 30.42 24.87 3.13
N GLY A 196 31.14 24.86 2.02
CA GLY A 196 32.58 25.01 2.03
C GLY A 196 33.35 23.81 1.50
N GLY A 197 32.67 22.76 1.04
CA GLY A 197 33.34 21.62 0.48
C GLY A 197 34.24 20.95 1.50
N ASP A 198 35.44 20.56 1.04
CA ASP A 198 36.43 19.92 1.88
C ASP A 198 37.56 20.86 2.28
N VAL A 199 37.37 22.17 2.11
CA VAL A 199 38.36 23.16 2.49
C VAL A 199 38.04 23.64 3.89
N MET A 200 38.99 23.43 4.82
CA MET A 200 38.75 23.74 6.22
C MET A 200 38.47 25.22 6.43
N GLU A 201 39.22 26.09 5.76
CA GLU A 201 39.04 27.53 5.94
C GLU A 201 37.65 27.97 5.51
N GLU A 202 37.20 27.49 4.35
CA GLU A 202 35.86 27.85 3.87
C GLU A 202 34.76 27.21 4.73
N ARG A 203 35.00 26.00 5.24
CA ARG A 203 34.05 25.39 6.16
C ARG A 203 33.89 26.24 7.42
N LEU A 204 35.01 26.72 7.98
CA LEU A 204 34.93 27.55 9.17
C LEU A 204 34.28 28.89 8.87
N ARG A 205 34.59 29.48 7.72
CA ARG A 205 33.98 30.76 7.36
C ARG A 205 32.49 30.60 7.11
N SER A 206 32.09 29.49 6.49
CA SER A 206 30.66 29.25 6.26
C SER A 206 29.91 29.13 7.58
N ALA A 207 30.50 28.45 8.56
CA ALA A 207 29.84 28.28 9.85
C ALA A 207 29.73 29.61 10.60
N ARG A 208 30.80 30.42 10.56
CA ARG A 208 30.77 31.69 11.28
C ARG A 208 29.84 32.70 10.61
N GLU A 209 29.90 32.79 9.28
CA GLU A 209 29.08 33.77 8.58
C GLU A 209 27.59 33.41 8.62
N THR A 210 27.27 32.13 8.48
CA THR A 210 25.87 31.72 8.55
C THR A 210 25.31 31.91 9.96
N ALA A 211 26.11 31.61 10.98
CA ALA A 211 25.67 31.81 12.36
C ALA A 211 25.39 33.28 12.67
N LYS A 212 25.98 34.20 11.91
CA LYS A 212 25.71 35.63 12.08
C LYS A 212 24.34 36.03 11.57
N ARG A 213 23.57 35.12 10.95
CA ARG A 213 22.23 35.38 10.46
C ARG A 213 21.20 34.83 11.43
N PRO A 214 20.02 35.47 11.52
CA PRO A 214 18.98 35.05 12.47
C PRO A 214 18.23 33.79 12.05
N VAL A 215 18.98 32.77 11.61
CA VAL A 215 18.36 31.50 11.26
C VAL A 215 17.97 30.75 12.52
N GLY A 216 17.00 29.85 12.37
CA GLY A 216 16.55 29.02 13.47
C GLY A 216 17.32 27.74 13.67
N GLY A 217 18.17 27.38 12.73
CA GLY A 217 18.96 26.18 12.84
C GLY A 217 20.03 26.13 11.78
N PHE A 218 20.70 24.98 11.69
CA PHE A 218 21.80 24.83 10.75
C PHE A 218 21.73 23.48 10.08
N LEU A 219 21.89 23.47 8.75
CA LEU A 219 22.00 22.24 7.98
C LEU A 219 23.46 22.03 7.62
N LEU A 220 24.02 20.89 8.05
CA LEU A 220 25.40 20.53 7.73
C LEU A 220 25.38 19.76 6.41
N ASP A 221 25.84 20.41 5.35
CA ASP A 221 25.72 19.91 3.99
C ASP A 221 27.09 19.50 3.46
N GLY A 222 27.12 18.41 2.70
CA GLY A 222 28.34 17.98 2.04
C GLY A 222 29.18 16.99 2.81
N PHE A 223 28.63 16.35 3.84
CA PHE A 223 29.36 15.37 4.62
C PHE A 223 28.97 13.94 4.31
N GLN A 224 28.06 13.74 3.35
CA GLN A 224 27.68 12.39 2.96
C GLN A 224 28.88 11.62 2.42
N GLY A 225 28.99 10.37 2.81
CA GLY A 225 30.13 9.55 2.44
C GLY A 225 29.72 8.15 2.04
N ASP A 226 30.51 7.57 1.15
CA ASP A 226 30.30 6.21 0.67
C ASP A 226 31.56 5.40 0.94
N PRO A 227 31.49 4.29 1.69
CA PRO A 227 30.29 3.72 2.30
C PRO A 227 29.81 4.44 3.56
N ALA A 228 30.60 5.41 4.03
CA ALA A 228 30.24 6.18 5.22
C ALA A 228 31.08 7.46 5.22
N VAL A 229 30.85 8.29 6.25
CA VAL A 229 31.58 9.54 6.37
C VAL A 229 33.06 9.24 6.57
N THR A 230 33.89 9.84 5.72
CA THR A 230 35.33 9.66 5.83
C THR A 230 35.86 10.35 7.10
N GLU A 231 37.06 9.95 7.51
CA GLU A 231 37.67 10.56 8.68
C GLU A 231 38.02 12.02 8.42
N THR A 232 38.32 12.37 7.17
CA THR A 232 38.63 13.77 6.85
C THR A 232 37.41 14.66 7.04
N ARG A 233 36.23 14.17 6.66
CA ARG A 233 35.01 14.97 6.81
C ARG A 233 34.45 14.88 8.23
N LEU A 234 34.77 13.81 8.97
CA LEU A 234 34.40 13.75 10.38
C LEU A 234 35.11 14.84 11.17
N HIS A 235 36.42 14.99 10.96
CA HIS A 235 37.16 16.08 11.58
C HIS A 235 36.67 17.43 11.05
N LEU A 236 36.30 17.48 9.77
CA LEU A 236 35.73 18.70 9.21
C LEU A 236 34.41 19.06 9.91
N LEU A 237 33.62 18.04 10.25
CA LEU A 237 32.33 18.27 10.88
C LEU A 237 32.48 18.84 12.29
N SER A 238 33.43 18.31 13.07
CA SER A 238 33.63 18.79 14.44
C SER A 238 34.09 20.24 14.45
N SER A 239 34.95 20.62 13.49
CA SER A 239 35.41 22.00 13.42
C SER A 239 34.25 22.95 13.12
N VAL A 240 33.25 22.50 12.38
CA VAL A 240 32.11 23.35 12.05
C VAL A 240 31.19 23.51 13.25
N THR A 241 30.84 22.39 13.90
CA THR A 241 29.92 22.45 15.04
C THR A 241 30.53 23.21 16.21
N ALA A 242 31.86 23.24 16.32
CA ALA A 242 32.50 24.04 17.35
C ALA A 242 32.31 25.53 17.13
N GLU A 243 31.95 25.94 15.91
CA GLU A 243 31.71 27.34 15.60
C GLU A 243 30.25 27.73 15.70
N LEU A 244 29.34 26.77 15.93
CA LEU A 244 27.91 27.01 15.92
C LEU A 244 27.38 27.22 17.34
N PRO A 245 26.32 28.01 17.48
CA PRO A 245 25.72 28.19 18.81
C PRO A 245 25.14 26.90 19.34
N GLU A 246 25.20 26.74 20.66
CA GLU A 246 24.60 25.58 21.31
C GLU A 246 23.09 25.68 21.46
N ASP A 247 22.52 26.86 21.23
CA ASP A 247 21.11 27.09 21.45
C ASP A 247 20.25 26.84 20.22
N LYS A 248 20.84 26.34 19.14
CA LYS A 248 20.10 26.08 17.91
C LYS A 248 20.35 24.67 17.41
N PRO A 249 19.36 24.07 16.75
CA PRO A 249 19.52 22.68 16.30
C PRO A 249 20.52 22.55 15.16
N ARG A 250 21.18 21.40 15.11
CA ARG A 250 22.10 21.05 14.03
C ARG A 250 21.52 19.88 13.26
N LEU A 251 21.27 20.08 11.97
CA LEU A 251 20.75 19.03 11.11
C LEU A 251 21.83 18.61 10.11
N ILE A 252 21.80 17.34 9.72
CA ILE A 252 22.71 16.81 8.72
C ILE A 252 21.91 15.99 7.73
N CYS A 253 22.37 15.99 6.48
CA CYS A 253 21.71 15.30 5.38
C CYS A 253 22.63 14.23 4.81
N GLY A 254 22.02 13.19 4.26
CA GLY A 254 22.80 12.11 3.66
C GLY A 254 23.55 11.23 4.63
N VAL A 255 23.21 11.30 5.91
CA VAL A 255 23.87 10.50 6.96
C VAL A 255 22.77 9.81 7.75
N SER A 256 22.60 8.50 7.53
CA SER A 256 21.51 7.77 8.16
C SER A 256 21.87 6.38 8.64
N ARG A 257 23.02 5.82 8.25
CA ARG A 257 23.39 4.51 8.74
C ARG A 257 23.77 4.60 10.22
N PRO A 258 23.38 3.61 11.04
CA PRO A 258 23.55 3.74 12.50
C PRO A 258 24.98 4.00 12.94
N ASP A 259 25.99 3.59 12.16
CA ASP A 259 27.37 3.80 12.61
C ASP A 259 27.78 5.25 12.44
N GLU A 260 27.41 5.88 11.31
CA GLU A 260 27.76 7.29 11.13
C GLU A 260 26.90 8.20 11.98
N VAL A 261 25.67 7.77 12.31
CA VAL A 261 24.80 8.57 13.17
C VAL A 261 25.48 8.81 14.51
N LEU A 262 25.97 7.73 15.14
CA LEU A 262 26.65 7.87 16.42
C LEU A 262 27.92 8.70 16.29
N GLU A 263 28.62 8.58 15.17
CA GLU A 263 29.82 9.39 14.96
C GLU A 263 29.48 10.87 14.87
N CYS A 264 28.36 11.20 14.22
CA CYS A 264 27.97 12.60 14.09
C CYS A 264 27.35 13.15 15.37
N ILE A 265 26.71 12.31 16.16
CA ILE A 265 26.20 12.76 17.46
C ILE A 265 27.35 13.14 18.38
N GLU A 266 28.47 12.40 18.30
CA GLU A 266 29.66 12.79 19.06
C GLU A 266 30.20 14.13 18.61
N ARG A 267 29.98 14.51 17.35
CA ARG A 267 30.40 15.81 16.84
C ARG A 267 29.38 16.91 17.08
N GLY A 268 28.28 16.61 17.76
CA GLY A 268 27.30 17.64 18.08
C GLY A 268 26.20 17.82 17.06
N VAL A 269 25.84 16.77 16.34
CA VAL A 269 24.74 16.82 15.37
C VAL A 269 23.48 16.27 16.02
N ASP A 270 22.36 16.96 15.82
CA ASP A 270 21.12 16.64 16.54
C ASP A 270 20.16 15.80 15.71
N LEU A 271 19.76 16.27 14.54
CA LEU A 271 18.69 15.65 13.77
C LEU A 271 19.22 15.00 12.50
N PHE A 272 18.65 13.85 12.17
CA PHE A 272 19.12 13.02 11.06
C PHE A 272 17.94 12.63 10.18
N GLU A 273 18.25 12.32 8.92
CA GLU A 273 17.26 11.74 8.03
C GLU A 273 17.15 10.24 8.28
N SER A 274 15.99 9.68 7.97
CA SER A 274 15.71 8.26 8.19
C SER A 274 15.51 7.51 6.88
N PHE A 275 16.33 7.81 5.87
CA PHE A 275 16.20 7.12 4.60
C PHE A 275 16.93 5.78 4.57
N PHE A 276 17.76 5.49 5.56
CA PHE A 276 18.44 4.19 5.59
C PHE A 276 17.48 3.01 5.72
N PRO A 277 16.49 3.03 6.63
CA PRO A 277 15.51 1.93 6.62
C PRO A 277 14.73 1.83 5.32
N TYR A 278 14.60 2.94 4.58
CA TYR A 278 13.98 2.88 3.26
C TYR A 278 14.85 2.10 2.28
N GLN A 279 16.16 2.35 2.29
CA GLN A 279 17.06 1.61 1.41
C GLN A 279 17.08 0.13 1.76
N VAL A 280 17.06 -0.20 3.05
CA VAL A 280 17.03 -1.60 3.47
C VAL A 280 15.77 -2.27 2.94
N THR A 281 14.65 -1.55 2.92
CA THR A 281 13.41 -2.12 2.42
C THR A 281 13.47 -2.34 0.91
N GLU A 282 14.06 -1.39 0.18
CA GLU A 282 14.04 -1.44 -1.28
C GLU A 282 14.84 -2.62 -1.84
N ARG A 283 15.71 -3.24 -1.05
CA ARG A 283 16.42 -4.43 -1.48
C ARG A 283 15.88 -5.69 -0.82
N GLY A 284 14.63 -5.65 -0.35
CA GLY A 284 14.02 -6.82 0.27
C GLY A 284 14.69 -7.28 1.54
N CYS A 285 15.28 -6.37 2.31
CA CYS A 285 16.00 -6.70 3.52
C CYS A 285 15.30 -6.15 4.76
N ALA A 286 15.63 -6.73 5.91
CA ALA A 286 15.06 -6.32 7.19
C ALA A 286 16.19 -6.10 8.19
N LEU A 287 16.15 -4.96 8.88
CA LEU A 287 17.14 -4.67 9.90
C LEU A 287 17.01 -5.64 11.07
N THR A 288 18.13 -6.21 11.50
CA THR A 288 18.14 -7.15 12.62
C THR A 288 19.20 -6.81 13.66
N PHE A 289 19.89 -5.68 13.51
CA PHE A 289 20.96 -5.33 14.43
C PHE A 289 20.41 -5.02 15.82
N THR A 290 21.21 -5.33 16.83
CA THR A 290 20.80 -5.18 18.22
C THR A 290 21.23 -3.83 18.77
N PHE A 291 20.40 -3.27 19.66
CA PHE A 291 20.77 -2.07 20.38
C PHE A 291 20.37 -2.13 21.85
N ASP A 292 20.01 -3.30 22.37
CA ASP A 292 19.68 -3.45 23.78
C ASP A 292 20.96 -3.43 24.60
N CYS A 293 21.05 -2.50 25.55
CA CYS A 293 22.25 -2.29 26.36
C CYS A 293 23.47 -2.04 25.49
N GLU A 328 25.53 -1.63 -0.89
CA GLU A 328 24.46 -2.62 -0.89
C GLU A 328 24.09 -3.04 0.53
N MET A 329 23.85 -4.34 0.71
CA MET A 329 23.39 -4.85 2.00
C MET A 329 24.51 -4.82 3.03
N THR A 330 24.18 -4.39 4.24
CA THR A 330 25.09 -4.35 5.37
C THR A 330 24.86 -5.57 6.26
N SER A 331 25.63 -5.66 7.33
CA SER A 331 25.48 -6.73 8.31
C SER A 331 24.44 -6.39 9.38
N PHE A 332 23.89 -5.18 9.36
CA PHE A 332 22.79 -4.83 10.26
C PHE A 332 21.48 -5.48 9.85
N GLU A 333 21.44 -6.19 8.71
CA GLU A 333 20.20 -6.62 8.11
C GLU A 333 20.33 -8.05 7.62
N ILE A 334 19.19 -8.63 7.22
CA ILE A 334 19.14 -9.94 6.59
C ILE A 334 18.42 -9.80 5.26
N ASN A 335 18.83 -10.63 4.30
CA ASN A 335 18.20 -10.64 2.97
C ASN A 335 17.12 -11.71 2.97
N LEU A 336 15.86 -11.27 2.87
CA LEU A 336 14.75 -12.21 2.92
C LEU A 336 14.42 -12.83 1.57
N LYS A 337 15.17 -12.49 0.52
CA LYS A 337 15.07 -13.24 -0.74
C LYS A 337 15.87 -14.52 -0.70
N GLU A 338 16.66 -14.74 0.34
CA GLU A 338 17.49 -15.94 0.43
C GLU A 338 16.63 -17.16 0.70
N LYS A 339 17.04 -18.30 0.13
CA LYS A 339 16.22 -19.50 0.16
C LYS A 339 16.12 -20.12 1.54
N LYS A 340 16.97 -19.72 2.49
CA LYS A 340 16.92 -20.29 3.83
C LYS A 340 15.67 -19.88 4.60
N TYR A 341 14.94 -18.86 4.15
CA TYR A 341 13.75 -18.38 4.83
C TYR A 341 12.46 -18.91 4.22
N GLN A 342 12.53 -19.94 3.37
CA GLN A 342 11.33 -20.51 2.80
C GLN A 342 10.42 -21.07 3.88
N GLU A 343 10.99 -21.80 4.85
CA GLU A 343 10.22 -22.43 5.92
C GLU A 343 10.50 -21.81 7.28
N ASP A 344 11.22 -20.70 7.32
CA ASP A 344 11.46 -20.00 8.59
C ASP A 344 10.18 -19.28 9.00
N PHE A 345 9.52 -19.80 10.04
CA PHE A 345 8.27 -19.24 10.53
C PHE A 345 8.48 -18.34 11.74
N ASP A 346 9.70 -17.90 11.99
CA ASP A 346 9.97 -16.90 13.01
C ASP A 346 9.64 -15.51 12.49
N PRO A 347 9.43 -14.54 13.37
CA PRO A 347 9.33 -13.15 12.92
C PRO A 347 10.68 -12.64 12.44
N LEU A 348 10.66 -11.43 11.87
CA LEU A 348 11.89 -10.82 11.41
C LEU A 348 12.87 -10.62 12.57
N VAL A 349 12.38 -10.11 13.69
CA VAL A 349 13.17 -9.93 14.90
C VAL A 349 12.33 -10.39 16.09
N ARG A 350 12.81 -11.41 16.80
CA ARG A 350 12.09 -11.91 17.95
C ARG A 350 11.99 -10.83 19.02
N GLY A 351 10.77 -10.62 19.53
CA GLY A 351 10.53 -9.60 20.52
C GLY A 351 10.15 -8.25 19.96
N CYS A 352 10.28 -8.05 18.66
CA CYS A 352 9.88 -6.78 18.04
C CYS A 352 8.38 -6.60 18.11
N SER A 353 7.95 -5.38 18.42
CA SER A 353 6.54 -5.06 18.61
C SER A 353 5.89 -4.46 17.37
N CYS A 354 6.53 -4.55 16.21
CA CYS A 354 5.97 -3.97 15.00
C CYS A 354 4.87 -4.86 14.44
N TYR A 355 4.12 -4.32 13.47
CA TYR A 355 3.00 -5.04 12.90
C TYR A 355 3.46 -6.30 12.17
N CYS A 356 4.57 -6.22 11.44
CA CYS A 356 5.03 -7.36 10.67
C CYS A 356 5.53 -8.48 11.57
N CYS A 357 6.31 -8.14 12.60
CA CYS A 357 6.90 -9.16 13.46
C CYS A 357 5.88 -9.79 14.41
N LYS A 358 4.77 -9.11 14.69
CA LYS A 358 3.75 -9.63 15.58
C LYS A 358 2.61 -10.31 14.84
N ASN A 359 2.66 -10.35 13.50
CA ASN A 359 1.56 -10.92 12.72
C ASN A 359 2.01 -11.77 11.55
N HIS A 360 3.25 -11.71 11.11
CA HIS A 360 3.70 -12.45 9.93
C HIS A 360 5.07 -13.05 10.18
N THR A 361 5.47 -13.93 9.27
CA THR A 361 6.71 -14.69 9.40
C THR A 361 7.66 -14.35 8.26
N ARG A 362 8.93 -14.73 8.45
CA ARG A 362 9.91 -14.57 7.37
C ARG A 362 9.50 -15.36 6.14
N ALA A 363 8.94 -16.56 6.35
CA ALA A 363 8.46 -17.37 5.23
C ALA A 363 7.42 -16.60 4.40
N TYR A 364 6.53 -15.87 5.08
CA TYR A 364 5.55 -15.07 4.37
C TYR A 364 6.22 -13.90 3.66
N ILE A 365 7.17 -13.24 4.32
CA ILE A 365 7.88 -12.12 3.70
C ILE A 365 8.71 -12.61 2.51
N HIS A 366 9.43 -13.73 2.70
CA HIS A 366 10.19 -14.32 1.60
C HIS A 366 9.28 -14.67 0.43
N HIS A 367 8.09 -15.20 0.72
CA HIS A 367 7.14 -15.54 -0.34
C HIS A 367 6.68 -14.29 -1.08
N LEU A 368 6.38 -13.22 -0.35
CA LEU A 368 5.93 -11.98 -0.99
C LEU A 368 7.01 -11.40 -1.90
N LEU A 369 8.29 -11.60 -1.55
CA LEU A 369 9.37 -11.07 -2.36
C LEU A 369 9.59 -11.91 -3.63
N MET A 370 9.40 -13.22 -3.53
CA MET A 370 9.58 -14.08 -4.71
C MET A 370 8.48 -13.84 -5.74
N THR A 371 7.28 -13.50 -5.30
CA THR A 371 6.15 -13.27 -6.19
C THR A 371 5.97 -11.79 -6.52
N ASN A 372 6.93 -10.94 -6.16
CA ASN A 372 6.92 -9.51 -6.50
C ASN A 372 5.63 -8.83 -6.04
N GLU A 373 5.25 -9.11 -4.79
CA GLU A 373 4.06 -8.54 -4.20
C GLU A 373 4.42 -7.30 -3.38
N LEU A 374 3.60 -6.26 -3.52
CA LEU A 374 3.88 -4.98 -2.88
C LEU A 374 3.65 -5.00 -1.37
N LEU A 375 3.00 -6.05 -0.84
CA LEU A 375 2.86 -6.14 0.61
C LEU A 375 4.21 -6.34 1.29
N ALA A 376 5.17 -6.94 0.59
CA ALA A 376 6.51 -7.11 1.14
C ALA A 376 7.13 -5.75 1.46
N GLY A 377 7.07 -4.82 0.50
CA GLY A 377 7.58 -3.48 0.74
C GLY A 377 6.84 -2.77 1.86
N VAL A 378 5.57 -3.09 2.05
CA VAL A 378 4.81 -2.49 3.15
C VAL A 378 5.23 -3.11 4.48
N LEU A 379 5.25 -4.44 4.56
CA LEU A 379 5.58 -5.11 5.81
C LEU A 379 7.03 -4.90 6.20
N LEU A 380 7.93 -4.84 5.22
CA LEU A 380 9.34 -4.58 5.53
C LEU A 380 9.55 -3.15 6.00
N MET A 381 8.91 -2.18 5.35
CA MET A 381 9.08 -0.79 5.74
C MET A 381 8.55 -0.53 7.14
N MET A 382 7.47 -1.22 7.52
CA MET A 382 6.94 -1.06 8.87
C MET A 382 7.95 -1.54 9.92
N HIS A 383 8.56 -2.70 9.68
CA HIS A 383 9.55 -3.20 10.61
C HIS A 383 10.82 -2.36 10.59
N ASN A 384 11.30 -2.01 9.39
CA ASN A 384 12.56 -1.28 9.29
C ASN A 384 12.44 0.14 9.86
N PHE A 385 11.25 0.73 9.79
CA PHE A 385 11.05 2.02 10.44
C PHE A 385 10.97 1.86 11.95
N GLU A 386 10.23 0.85 12.42
CA GLU A 386 10.08 0.64 13.85
C GLU A 386 11.42 0.26 14.49
N HIS A 387 12.19 -0.59 13.80
CA HIS A 387 13.52 -0.94 14.29
C HIS A 387 14.43 0.30 14.33
N TYR A 388 14.34 1.14 13.31
CA TYR A 388 15.19 2.33 13.25
C TYR A 388 14.79 3.35 14.29
N PHE A 389 13.49 3.61 14.43
CA PHE A 389 13.02 4.57 15.43
C PHE A 389 13.34 4.09 16.84
N GLY A 390 13.24 2.78 17.08
CA GLY A 390 13.65 2.24 18.37
C GLY A 390 15.13 2.33 18.60
N PHE A 391 15.94 2.30 17.52
CA PHE A 391 17.37 2.49 17.67
C PHE A 391 17.71 3.89 18.15
N PHE A 392 16.93 4.88 17.72
CA PHE A 392 17.15 6.24 18.19
C PHE A 392 16.69 6.43 19.63
N CYS A 393 15.70 5.65 20.06
CA CYS A 393 15.34 5.65 21.48
C CYS A 393 16.50 5.16 22.34
N SER A 394 17.24 4.17 21.85
CA SER A 394 18.38 3.66 22.60
C SER A 394 19.51 4.68 22.69
N ILE A 395 19.62 5.56 21.69
CA ILE A 395 20.64 6.62 21.76
C ILE A 395 20.32 7.60 22.88
N ARG A 396 19.06 8.03 22.98
CA ARG A 396 18.69 8.96 24.03
C ARG A 396 18.67 8.28 25.40
N GLU A 397 18.25 7.02 25.44
CA GLU A 397 18.29 6.26 26.69
C GLU A 397 19.72 6.06 27.17
N ALA A 398 20.64 5.80 26.24
CA ALA A 398 22.04 5.62 26.61
C ALA A 398 22.68 6.93 27.02
N LEU A 399 22.27 8.04 26.42
CA LEU A 399 22.81 9.34 26.83
C LEU A 399 22.37 9.71 28.23
N LYS A 400 21.13 9.34 28.62
CA LYS A 400 20.69 9.57 29.98
C LYS A 400 21.48 8.73 30.97
N ASN A 401 21.87 7.52 30.58
CA ASN A 401 22.63 6.62 31.43
C ASN A 401 24.13 6.72 31.23
N ASP A 402 24.58 7.59 30.32
CA ASP A 402 26.01 7.75 30.00
C ASP A 402 26.64 6.42 29.60
N THR A 403 25.99 5.73 28.68
CA THR A 403 26.45 4.43 28.20
C THR A 403 26.46 4.38 26.67
N LEU A 404 26.61 5.54 26.02
CA LEU A 404 26.64 5.56 24.56
C LEU A 404 27.86 4.85 24.02
N ALA A 405 28.96 4.82 24.77
CA ALA A 405 30.15 4.10 24.32
C ALA A 405 29.88 2.61 24.22
N GLN A 406 29.08 2.07 25.14
CA GLN A 406 28.71 0.66 25.07
C GLN A 406 27.80 0.40 23.88
N LEU A 407 26.79 1.26 23.69
CA LEU A 407 25.91 1.12 22.54
C LEU A 407 26.67 1.29 21.23
N LYS A 408 27.61 2.24 21.19
CA LYS A 408 28.43 2.42 20.00
C LYS A 408 29.29 1.19 19.74
N GLU A 409 29.81 0.58 20.80
CA GLU A 409 30.60 -0.64 20.64
C GLU A 409 29.74 -1.80 20.18
N LEU A 410 28.48 -1.85 20.62
CA LEU A 410 27.58 -2.93 20.19
C LEU A 410 27.19 -2.76 18.73
N ILE A 411 27.08 -1.52 18.25
CA ILE A 411 26.70 -1.29 16.86
C ILE A 411 27.86 -1.67 15.94
N CYS A 412 29.07 -1.22 16.26
CA CYS A 412 30.22 -1.45 15.39
C CYS A 412 30.70 -2.90 15.42
N ARG A 413 30.41 -3.64 16.49
CA ARG A 413 30.80 -5.05 16.56
C ARG A 413 30.06 -5.91 15.56
N GLN A 414 28.99 -5.40 14.95
CA GLN A 414 28.20 -6.14 13.98
C GLN A 414 28.50 -5.68 12.56
N MET A 415 29.78 -5.57 12.23
CA MET A 415 30.20 -5.13 10.90
C MET A 415 31.30 -6.03 10.35
N ALA B 5 -28.79 -32.64 5.82
CA ALA B 5 -27.50 -31.98 5.98
C ALA B 5 -27.68 -30.54 6.45
N PRO B 6 -26.80 -30.07 7.33
CA PRO B 6 -26.96 -28.73 7.90
C PRO B 6 -26.81 -27.66 6.82
N ARG B 7 -27.76 -26.72 6.81
CA ARG B 7 -27.73 -25.64 5.85
C ARG B 7 -26.73 -24.57 6.28
N ILE B 8 -25.90 -24.13 5.33
CA ILE B 8 -24.93 -23.08 5.60
C ILE B 8 -25.49 -21.69 5.36
N MET B 9 -26.75 -21.58 4.94
CA MET B 9 -27.35 -20.29 4.63
C MET B 9 -28.76 -20.23 5.21
N ARG B 10 -29.10 -19.08 5.78
CA ARG B 10 -30.45 -18.78 6.23
C ARG B 10 -30.91 -17.50 5.57
N LEU B 11 -32.06 -17.54 4.93
CA LEU B 11 -32.62 -16.35 4.29
C LEU B 11 -33.24 -15.44 5.34
N VAL B 12 -32.82 -14.18 5.34
CA VAL B 12 -33.33 -13.19 6.28
C VAL B 12 -34.46 -12.38 5.69
N ALA B 13 -34.35 -12.01 4.42
CA ALA B 13 -35.39 -11.24 3.75
C ALA B 13 -35.32 -11.52 2.26
N GLU B 14 -36.50 -11.51 1.62
CA GLU B 14 -36.60 -11.66 0.17
C GLU B 14 -37.40 -10.50 -0.39
N CYS B 15 -37.06 -10.12 -1.62
CA CYS B 15 -37.84 -9.11 -2.34
C CYS B 15 -39.14 -9.74 -2.82
N SER B 16 -40.27 -9.16 -2.40
CA SER B 16 -41.56 -9.65 -2.87
C SER B 16 -41.73 -9.44 -4.37
N ARG B 17 -40.97 -8.53 -4.96
CA ARG B 17 -41.06 -8.21 -6.38
C ARG B 17 -40.18 -9.12 -7.22
N SER B 18 -38.88 -9.15 -6.92
CA SER B 18 -37.89 -9.86 -7.72
C SER B 18 -37.38 -11.09 -6.96
N GLY B 19 -36.21 -11.58 -7.36
CA GLY B 19 -35.55 -12.69 -6.69
C GLY B 19 -34.47 -12.29 -5.71
N ALA B 20 -34.39 -11.01 -5.34
CA ALA B 20 -33.36 -10.55 -4.43
C ALA B 20 -33.47 -11.24 -3.08
N ARG B 21 -32.33 -11.61 -2.51
CA ARG B 21 -32.27 -12.35 -1.26
C ARG B 21 -31.28 -11.70 -0.31
N ALA B 22 -31.68 -11.58 0.95
CA ALA B 22 -30.81 -11.15 2.02
C ALA B 22 -30.66 -12.29 3.02
N GLY B 23 -29.43 -12.70 3.27
CA GLY B 23 -29.18 -13.78 4.20
C GLY B 23 -27.78 -13.70 4.77
N GLU B 24 -27.40 -14.76 5.49
CA GLU B 24 -26.07 -14.86 6.06
C GLU B 24 -25.59 -16.30 5.98
N LEU B 25 -24.28 -16.45 5.79
CA LEU B 25 -23.65 -17.76 5.69
C LEU B 25 -23.00 -18.12 7.01
N ARG B 26 -23.25 -19.34 7.49
CA ARG B 26 -22.59 -19.86 8.68
C ARG B 26 -21.36 -20.66 8.23
N LEU B 27 -20.18 -20.11 8.45
CA LEU B 27 -18.92 -20.68 7.98
C LEU B 27 -17.96 -20.86 9.16
N PRO B 28 -16.96 -21.73 9.03
CA PRO B 28 -16.10 -22.04 10.17
C PRO B 28 -15.31 -20.86 10.73
N HIS B 29 -15.09 -19.82 9.93
CA HIS B 29 -14.34 -18.65 10.38
C HIS B 29 -15.23 -17.42 10.53
N GLY B 30 -16.50 -17.62 10.88
CA GLY B 30 -17.43 -16.53 11.10
C GLY B 30 -18.56 -16.53 10.07
N THR B 31 -19.55 -15.69 10.35
CA THR B 31 -20.71 -15.57 9.51
C THR B 31 -20.54 -14.43 8.50
N VAL B 32 -21.10 -14.62 7.31
CA VAL B 32 -20.97 -13.69 6.20
C VAL B 32 -22.36 -13.31 5.71
N ALA B 33 -22.68 -12.02 5.77
CA ALA B 33 -23.96 -11.55 5.25
C ALA B 33 -23.98 -11.66 3.73
N THR B 34 -25.16 -11.99 3.18
CA THR B 34 -25.34 -12.09 1.76
C THR B 34 -26.45 -11.14 1.31
N PRO B 35 -26.35 -10.54 0.10
CA PRO B 35 -25.31 -10.75 -0.92
C PRO B 35 -23.94 -10.21 -0.51
N VAL B 36 -22.88 -10.80 -1.05
CA VAL B 36 -21.52 -10.47 -0.66
C VAL B 36 -20.63 -10.53 -1.90
N PHE B 37 -19.82 -9.49 -2.09
CA PHE B 37 -18.74 -9.53 -3.06
C PHE B 37 -17.47 -10.02 -2.36
N MET B 38 -16.77 -10.93 -3.00
CA MET B 38 -15.60 -11.56 -2.38
C MET B 38 -14.33 -11.15 -3.11
N PRO B 39 -13.48 -10.32 -2.51
CA PRO B 39 -12.27 -9.88 -3.20
C PRO B 39 -11.25 -11.00 -3.29
N VAL B 40 -10.46 -10.96 -4.37
CA VAL B 40 -9.37 -11.92 -4.57
C VAL B 40 -8.23 -11.50 -3.66
N GLY B 41 -8.08 -12.21 -2.53
CA GLY B 41 -7.09 -11.81 -1.54
C GLY B 41 -5.66 -11.92 -2.03
N THR B 42 -5.40 -12.83 -2.96
CA THR B 42 -4.05 -12.99 -3.48
C THR B 42 -3.58 -11.74 -4.22
N GLN B 43 -4.51 -11.00 -4.82
CA GLN B 43 -4.17 -9.74 -5.48
C GLN B 43 -4.14 -8.56 -4.52
N ALA B 44 -4.94 -8.60 -3.46
CA ALA B 44 -4.94 -7.51 -2.48
C ALA B 44 -3.60 -7.40 -1.78
N THR B 45 -3.03 -8.53 -1.37
CA THR B 45 -1.69 -8.51 -0.79
C THR B 45 -0.66 -8.03 -1.82
N MET B 46 -0.78 -8.51 -3.07
CA MET B 46 0.07 -7.98 -4.13
C MET B 46 -0.14 -6.48 -4.33
N LYS B 47 -1.27 -5.95 -3.90
CA LYS B 47 -1.56 -4.52 -3.97
C LYS B 47 -1.10 -3.76 -2.74
N GLY B 48 -0.50 -4.43 -1.76
CA GLY B 48 -0.01 -3.76 -0.57
C GLY B 48 -1.04 -3.48 0.49
N ILE B 49 -2.05 -4.33 0.61
CA ILE B 49 -3.11 -4.16 1.60
C ILE B 49 -2.96 -5.25 2.65
N THR B 50 -2.79 -4.86 3.90
CA THR B 50 -2.57 -5.81 4.98
C THR B 50 -3.89 -6.46 5.39
N THR B 51 -3.79 -7.48 6.25
CA THR B 51 -4.97 -8.11 6.81
C THR B 51 -5.79 -7.11 7.62
N GLU B 52 -5.12 -6.27 8.41
CA GLU B 52 -5.82 -5.31 9.25
C GLU B 52 -6.65 -4.34 8.42
N GLN B 53 -6.12 -3.90 7.27
CA GLN B 53 -6.86 -2.99 6.41
C GLN B 53 -8.09 -3.66 5.83
N LEU B 54 -7.92 -4.87 5.28
CA LEU B 54 -9.04 -5.57 4.66
C LEU B 54 -10.11 -5.92 5.68
N ASP B 55 -9.70 -6.25 6.91
CA ASP B 55 -10.68 -6.49 7.97
C ASP B 55 -11.39 -5.20 8.37
N SER B 56 -10.66 -4.09 8.40
CA SER B 56 -11.24 -2.79 8.73
C SER B 56 -12.30 -2.36 7.73
N LEU B 57 -12.22 -2.83 6.49
CA LEU B 57 -13.22 -2.52 5.49
C LEU B 57 -14.50 -3.33 5.64
N GLY B 58 -14.54 -4.26 6.59
CA GLY B 58 -15.70 -5.10 6.80
C GLY B 58 -15.72 -6.39 6.00
N CYS B 59 -14.67 -6.67 5.24
CA CYS B 59 -14.61 -7.92 4.47
C CYS B 59 -14.48 -9.11 5.41
N ARG B 60 -15.42 -10.04 5.32
CA ARG B 60 -15.42 -11.23 6.16
C ARG B 60 -15.23 -12.51 5.35
N ILE B 61 -14.88 -12.39 4.07
CA ILE B 61 -14.57 -13.55 3.23
C ILE B 61 -13.87 -13.06 1.96
N CYS B 62 -12.75 -13.69 1.61
CA CYS B 62 -12.01 -13.34 0.40
C CYS B 62 -11.53 -14.61 -0.27
N LEU B 63 -11.07 -14.46 -1.51
CA LEU B 63 -10.69 -15.59 -2.34
C LEU B 63 -9.19 -15.85 -2.25
N GLY B 64 -8.82 -17.08 -2.60
CA GLY B 64 -7.42 -17.44 -2.76
C GLY B 64 -7.26 -18.26 -4.03
N ASN B 65 -6.26 -17.90 -4.82
CA ASN B 65 -6.03 -18.57 -6.10
C ASN B 65 -5.24 -19.85 -5.85
N THR B 66 -5.89 -21.00 -6.08
CA THR B 66 -5.25 -22.28 -5.81
C THR B 66 -4.05 -22.52 -6.72
N TYR B 67 -4.19 -22.18 -8.01
CA TYR B 67 -3.08 -22.39 -8.94
C TYR B 67 -1.89 -21.51 -8.58
N HIS B 68 -2.15 -20.25 -8.23
CA HIS B 68 -1.07 -19.37 -7.81
C HIS B 68 -0.33 -19.94 -6.61
N LEU B 69 -1.06 -20.39 -5.60
CA LEU B 69 -0.44 -21.00 -4.44
C LEU B 69 0.21 -22.34 -4.77
N GLY B 70 -0.23 -23.00 -5.85
CA GLY B 70 0.42 -24.21 -6.27
C GLY B 70 1.80 -23.98 -6.87
N LEU B 71 2.02 -22.80 -7.45
CA LEU B 71 3.35 -22.45 -7.94
C LEU B 71 4.23 -21.91 -6.82
N ARG B 72 3.71 -20.98 -6.03
CA ARG B 72 4.40 -20.43 -4.86
C ARG B 72 3.41 -20.24 -3.72
N PRO B 73 3.68 -20.79 -2.54
CA PRO B 73 4.86 -21.60 -2.22
C PRO B 73 4.62 -23.11 -2.27
N GLY B 74 3.49 -23.52 -2.84
CA GLY B 74 3.14 -24.92 -2.91
C GLY B 74 2.29 -25.35 -1.75
N PRO B 75 1.51 -26.43 -1.93
CA PRO B 75 0.63 -26.89 -0.84
C PRO B 75 1.38 -27.43 0.37
N GLU B 76 2.63 -27.88 0.19
CA GLU B 76 3.38 -28.44 1.33
C GLU B 76 3.73 -27.37 2.34
N LEU B 77 4.13 -26.19 1.88
CA LEU B 77 4.50 -25.11 2.79
C LEU B 77 3.27 -24.45 3.42
N ILE B 78 2.17 -24.36 2.68
CA ILE B 78 0.94 -23.81 3.24
C ILE B 78 0.41 -24.71 4.36
N ARG B 79 0.51 -26.03 4.17
CA ARG B 79 0.09 -26.95 5.23
C ARG B 79 0.96 -26.80 6.47
N LYS B 80 2.28 -26.70 6.28
CA LYS B 80 3.18 -26.49 7.40
C LYS B 80 2.98 -25.13 8.06
N ALA B 81 2.44 -24.16 7.33
CA ALA B 81 2.17 -22.83 7.86
C ALA B 81 0.77 -22.71 8.46
N GLN B 82 0.23 -23.79 9.00
CA GLN B 82 -1.11 -23.81 9.60
C GLN B 82 -2.17 -23.37 8.60
N GLY B 83 -2.10 -23.91 7.39
CA GLY B 83 -3.07 -23.60 6.36
C GLY B 83 -2.86 -22.20 5.79
N LEU B 84 -3.71 -21.88 4.81
CA LEU B 84 -3.66 -20.56 4.20
C LEU B 84 -4.10 -19.47 5.18
N HIS B 85 -4.99 -19.81 6.11
CA HIS B 85 -5.40 -18.86 7.13
C HIS B 85 -4.21 -18.34 7.92
N GLY B 86 -3.37 -19.24 8.41
CA GLY B 86 -2.22 -18.83 9.20
C GLY B 86 -1.09 -18.27 8.36
N PHE B 87 -1.00 -18.67 7.08
CA PHE B 87 0.10 -18.23 6.24
C PHE B 87 0.02 -16.73 5.98
N MET B 88 -1.15 -16.23 5.60
CA MET B 88 -1.36 -14.81 5.37
C MET B 88 -1.96 -14.11 6.58
N ASN B 89 -2.21 -14.82 7.67
CA ASN B 89 -2.77 -14.25 8.90
C ASN B 89 -4.15 -13.62 8.64
N TRP B 90 -5.02 -14.38 7.97
CA TRP B 90 -6.39 -13.93 7.70
C TRP B 90 -7.33 -14.57 8.71
N PRO B 91 -8.01 -13.78 9.55
CA PRO B 91 -8.83 -14.39 10.62
C PRO B 91 -10.21 -14.83 10.18
N HIS B 92 -10.67 -14.39 9.01
CA HIS B 92 -12.03 -14.61 8.55
C HIS B 92 -12.04 -15.74 7.52
N ASN B 93 -13.03 -15.73 6.63
CA ASN B 93 -13.29 -16.85 5.74
C ASN B 93 -12.45 -16.78 4.46
N LEU B 94 -12.31 -17.94 3.81
CA LEU B 94 -11.51 -18.07 2.60
C LEU B 94 -12.20 -19.02 1.65
N LEU B 95 -12.19 -18.68 0.36
CA LEU B 95 -12.75 -19.51 -0.69
C LEU B 95 -11.66 -19.76 -1.71
N THR B 96 -11.33 -21.03 -1.95
CA THR B 96 -10.33 -21.41 -2.93
C THR B 96 -11.00 -22.14 -4.10
N ASP B 97 -10.45 -21.94 -5.28
CA ASP B 97 -10.92 -22.61 -6.47
C ASP B 97 -10.28 -24.00 -6.58
N SER B 98 -10.75 -24.78 -7.54
CA SER B 98 -10.20 -26.12 -7.76
C SER B 98 -8.81 -26.07 -8.38
N GLY B 99 -8.40 -24.94 -8.94
CA GLY B 99 -7.07 -24.78 -9.47
C GLY B 99 -6.87 -25.34 -10.86
N GLY B 100 -7.92 -25.74 -11.55
CA GLY B 100 -7.81 -26.26 -12.89
C GLY B 100 -8.09 -25.26 -13.99
N PHE B 101 -8.32 -24.00 -13.66
CA PHE B 101 -8.66 -22.99 -14.65
C PHE B 101 -8.21 -21.61 -14.20
N LEU B 109 -2.59 -23.99 -22.55
CA LEU B 109 -1.52 -24.37 -21.64
C LEU B 109 -1.89 -25.62 -20.84
N SER B 110 -3.17 -25.99 -20.89
CA SER B 110 -3.68 -27.11 -20.12
C SER B 110 -4.55 -27.99 -21.01
N GLU B 111 -4.27 -29.29 -21.00
CA GLU B 111 -5.08 -30.27 -21.69
C GLU B 111 -5.96 -31.00 -20.67
N VAL B 112 -7.17 -31.36 -21.10
CA VAL B 112 -8.15 -32.00 -20.23
C VAL B 112 -8.45 -33.38 -20.77
N THR B 113 -8.29 -34.40 -19.93
CA THR B 113 -8.73 -35.76 -20.21
C THR B 113 -9.60 -36.21 -19.05
N GLU B 114 -10.09 -37.46 -19.13
CA GLU B 114 -10.94 -37.98 -18.06
C GLU B 114 -10.18 -38.08 -16.75
N GLU B 115 -8.87 -38.31 -16.82
CA GLU B 115 -8.07 -38.41 -15.60
C GLU B 115 -8.00 -37.07 -14.87
N GLY B 116 -7.95 -35.97 -15.60
CA GLY B 116 -7.92 -34.66 -14.98
C GLY B 116 -7.34 -33.62 -15.94
N VAL B 117 -6.90 -32.52 -15.35
CA VAL B 117 -6.30 -31.42 -16.11
C VAL B 117 -4.79 -31.61 -16.10
N HIS B 118 -4.17 -31.46 -17.26
CA HIS B 118 -2.75 -31.72 -17.46
C HIS B 118 -2.00 -30.42 -17.68
N PHE B 119 -0.93 -30.21 -16.92
CA PHE B 119 -0.06 -29.05 -17.07
C PHE B 119 1.30 -29.52 -17.58
N ARG B 120 1.70 -29.02 -18.74
CA ARG B 120 2.99 -29.37 -19.31
C ARG B 120 4.09 -28.50 -18.70
N SER B 121 5.28 -29.09 -18.57
CA SER B 121 6.42 -28.34 -18.05
C SER B 121 7.03 -27.48 -19.15
N PRO B 122 7.49 -26.27 -18.83
CA PRO B 122 8.06 -25.41 -19.87
C PRO B 122 9.36 -25.97 -20.41
N TYR B 123 9.49 -25.93 -21.74
CA TYR B 123 10.67 -26.42 -22.45
C TYR B 123 10.91 -27.89 -22.14
N ASP B 124 9.88 -28.69 -22.41
CA ASP B 124 9.87 -30.13 -22.14
C ASP B 124 9.97 -30.43 -20.65
N GLY B 125 9.64 -31.66 -20.26
CA GLY B 125 9.67 -32.05 -18.88
C GLY B 125 8.44 -32.84 -18.47
N GLU B 126 8.46 -33.38 -17.25
CA GLU B 126 7.35 -34.18 -16.76
C GLU B 126 6.09 -33.33 -16.61
N GLU B 127 4.94 -33.98 -16.72
CA GLU B 127 3.66 -33.32 -16.57
C GLU B 127 3.21 -33.33 -15.12
N THR B 128 2.27 -32.44 -14.81
CA THR B 128 1.57 -32.42 -13.53
C THR B 128 0.09 -32.64 -13.81
N LEU B 129 -0.49 -33.67 -13.21
CA LEU B 129 -1.87 -34.04 -13.43
C LEU B 129 -2.70 -33.61 -12.23
N LEU B 130 -3.60 -32.64 -12.44
CA LEU B 130 -4.52 -32.19 -11.41
C LEU B 130 -5.84 -32.92 -11.60
N SER B 131 -6.01 -34.02 -10.88
CA SER B 131 -7.24 -34.80 -10.91
C SER B 131 -8.23 -34.25 -9.89
N PRO B 132 -9.51 -34.64 -9.99
CA PRO B 132 -10.47 -34.22 -8.95
C PRO B 132 -10.03 -34.58 -7.55
N GLU B 133 -9.46 -35.78 -7.36
CA GLU B 133 -8.98 -36.17 -6.04
C GLU B 133 -7.77 -35.32 -5.63
N ARG B 134 -6.87 -35.05 -6.57
CA ARG B 134 -5.74 -34.19 -6.27
C ARG B 134 -6.18 -32.78 -5.90
N SER B 135 -7.20 -32.27 -6.60
CA SER B 135 -7.68 -30.92 -6.32
C SER B 135 -8.29 -30.81 -4.93
N VAL B 136 -9.09 -31.80 -4.53
CA VAL B 136 -9.66 -31.79 -3.18
C VAL B 136 -8.55 -31.89 -2.14
N GLU B 137 -7.52 -32.69 -2.43
CA GLU B 137 -6.40 -32.81 -1.50
C GLU B 137 -5.62 -31.51 -1.38
N ILE B 138 -5.40 -30.83 -2.51
CA ILE B 138 -4.68 -29.55 -2.48
C ILE B 138 -5.48 -28.51 -1.70
N GLN B 139 -6.78 -28.44 -1.93
CA GLN B 139 -7.62 -27.49 -1.19
C GLN B 139 -7.76 -27.85 0.28
N ASN B 140 -7.59 -29.13 0.63
CA ASN B 140 -7.61 -29.51 2.04
C ASN B 140 -6.41 -28.93 2.80
N ALA B 141 -5.25 -28.87 2.14
CA ALA B 141 -4.07 -28.31 2.79
C ALA B 141 -4.20 -26.80 2.98
N LEU B 142 -4.89 -26.12 2.07
CA LEU B 142 -5.09 -24.69 2.21
C LEU B 142 -6.03 -24.36 3.37
N GLY B 143 -6.94 -25.28 3.70
CA GLY B 143 -7.82 -25.08 4.83
C GLY B 143 -8.88 -24.02 4.66
N SER B 144 -9.26 -23.73 3.42
CA SER B 144 -10.29 -22.72 3.18
C SER B 144 -11.65 -23.22 3.66
N ASP B 145 -12.55 -22.27 3.92
CA ASP B 145 -13.87 -22.59 4.42
C ASP B 145 -14.82 -23.05 3.32
N ILE B 146 -14.57 -22.66 2.07
CA ILE B 146 -15.35 -23.11 0.92
C ILE B 146 -14.38 -23.57 -0.16
N ILE B 147 -14.60 -24.79 -0.65
CA ILE B 147 -13.77 -25.37 -1.70
C ILE B 147 -14.63 -25.58 -2.94
N MET B 148 -14.01 -25.43 -4.11
CA MET B 148 -14.71 -25.50 -5.37
C MET B 148 -14.43 -26.83 -6.08
N GLN B 149 -15.46 -27.36 -6.73
CA GLN B 149 -15.32 -28.59 -7.51
C GLN B 149 -14.37 -28.38 -8.68
N LEU B 150 -13.65 -29.43 -9.04
CA LEU B 150 -12.88 -29.45 -10.28
C LEU B 150 -13.84 -29.67 -11.44
N ASP B 151 -13.93 -28.70 -12.34
CA ASP B 151 -14.84 -28.76 -13.47
C ASP B 151 -14.06 -28.65 -14.77
N HIS B 152 -14.70 -29.11 -15.84
CA HIS B 152 -14.16 -28.99 -17.19
C HIS B 152 -14.69 -27.70 -17.80
N VAL B 153 -13.82 -26.69 -17.91
CA VAL B 153 -14.22 -25.35 -18.29
C VAL B 153 -13.90 -25.14 -19.76
N VAL B 154 -14.93 -24.82 -20.54
CA VAL B 154 -14.77 -24.35 -21.92
C VAL B 154 -15.32 -22.93 -21.99
N SER B 155 -14.71 -22.11 -22.84
CA SER B 155 -15.10 -20.72 -22.92
C SER B 155 -16.49 -20.58 -23.53
N SER B 156 -17.21 -19.54 -23.08
CA SER B 156 -18.57 -19.30 -23.58
C SER B 156 -18.58 -18.87 -25.04
N THR B 157 -17.44 -18.48 -25.60
CA THR B 157 -17.38 -18.14 -27.02
C THR B 157 -17.39 -19.38 -27.90
N VAL B 158 -16.93 -20.51 -27.37
CA VAL B 158 -16.85 -21.75 -28.15
C VAL B 158 -18.23 -22.39 -28.24
N THR B 159 -18.48 -23.06 -29.37
CA THR B 159 -19.67 -23.86 -29.56
C THR B 159 -19.27 -25.19 -30.18
N GLY B 160 -20.14 -26.18 -30.03
CA GLY B 160 -19.91 -27.49 -30.61
C GLY B 160 -20.01 -28.61 -29.60
N PRO B 161 -19.36 -29.74 -29.90
CA PRO B 161 -19.49 -30.91 -29.02
C PRO B 161 -18.69 -30.83 -27.74
N LEU B 162 -17.70 -29.93 -27.65
CA LEU B 162 -16.91 -29.83 -26.43
C LEU B 162 -17.74 -29.32 -25.26
N VAL B 163 -18.79 -28.53 -25.55
CA VAL B 163 -19.62 -27.98 -24.47
C VAL B 163 -20.33 -29.10 -23.72
N GLU B 164 -20.98 -30.00 -24.46
CA GLU B 164 -21.63 -31.14 -23.81
C GLU B 164 -20.60 -32.08 -23.21
N GLU B 165 -19.46 -32.26 -23.87
CA GLU B 165 -18.41 -33.12 -23.35
C GLU B 165 -17.89 -32.61 -22.01
N ALA B 166 -17.76 -31.28 -21.88
CA ALA B 166 -17.26 -30.70 -20.63
C ALA B 166 -18.31 -30.72 -19.53
N MET B 167 -19.60 -30.65 -19.89
CA MET B 167 -20.65 -30.63 -18.88
C MET B 167 -20.78 -31.98 -18.18
N HIS B 168 -20.88 -33.06 -18.96
CA HIS B 168 -20.99 -34.39 -18.37
C HIS B 168 -19.72 -34.74 -17.59
N ARG B 169 -18.56 -34.32 -18.08
CA ARG B 169 -17.32 -34.56 -17.36
C ARG B 169 -17.30 -33.77 -16.06
N SER B 170 -17.89 -32.58 -16.04
CA SER B 170 -17.99 -31.79 -14.82
C SER B 170 -18.86 -32.49 -13.78
N VAL B 171 -19.89 -33.22 -14.22
CA VAL B 171 -20.73 -33.95 -13.29
C VAL B 171 -19.98 -35.14 -12.71
N ARG B 172 -19.30 -35.91 -13.56
CA ARG B 172 -18.51 -37.03 -13.08
C ARG B 172 -17.41 -36.57 -12.13
N TRP B 173 -16.75 -35.44 -12.46
CA TRP B 173 -15.73 -34.91 -11.57
C TRP B 173 -16.33 -34.42 -10.26
N LEU B 174 -17.58 -33.92 -10.30
CA LEU B 174 -18.25 -33.53 -9.06
C LEU B 174 -18.43 -34.72 -8.13
N ASP B 175 -18.85 -35.87 -8.68
CA ASP B 175 -18.99 -37.07 -7.87
C ASP B 175 -17.65 -37.52 -7.33
N ARG B 176 -16.59 -37.40 -8.12
CA ARG B 176 -15.26 -37.80 -7.67
C ARG B 176 -14.74 -36.85 -6.59
N CYS B 177 -15.07 -35.56 -6.69
CA CYS B 177 -14.67 -34.63 -5.64
C CYS B 177 -15.44 -34.91 -4.35
N ILE B 178 -16.72 -35.25 -4.46
CA ILE B 178 -17.52 -35.53 -3.27
C ILE B 178 -17.00 -36.76 -2.54
N ALA B 179 -16.59 -37.78 -3.30
CA ALA B 179 -16.05 -38.99 -2.67
C ALA B 179 -14.71 -38.71 -2.01
N ALA B 180 -13.87 -37.88 -2.63
CA ALA B 180 -12.56 -37.57 -2.08
C ALA B 180 -12.62 -36.57 -0.93
N HIS B 181 -13.69 -35.78 -0.84
CA HIS B 181 -13.84 -34.78 0.21
C HIS B 181 -14.33 -35.48 1.48
N LYS B 182 -13.41 -35.76 2.40
CA LYS B 182 -13.71 -36.57 3.58
C LYS B 182 -13.96 -35.73 4.82
N HIS B 183 -13.98 -34.41 4.73
CA HIS B 183 -14.22 -33.53 5.88
C HIS B 183 -15.24 -32.45 5.54
N PRO B 184 -16.51 -32.83 5.33
CA PRO B 184 -17.54 -31.81 5.12
C PRO B 184 -17.81 -30.95 6.33
N ASP B 185 -17.40 -31.40 7.52
CA ASP B 185 -17.59 -30.61 8.74
C ASP B 185 -16.64 -29.42 8.81
N LYS B 186 -15.50 -29.47 8.12
CA LYS B 186 -14.52 -28.40 8.17
C LYS B 186 -14.45 -27.57 6.89
N GLN B 187 -14.86 -28.12 5.75
CA GLN B 187 -14.83 -27.40 4.48
C GLN B 187 -16.11 -27.67 3.72
N ASN B 188 -16.56 -26.65 2.96
CA ASN B 188 -17.81 -26.71 2.22
C ASN B 188 -17.51 -26.79 0.74
N LEU B 189 -17.96 -27.88 0.10
CA LEU B 189 -17.70 -28.12 -1.30
C LEU B 189 -18.85 -27.59 -2.16
N PHE B 190 -18.52 -26.79 -3.17
CA PHE B 190 -19.49 -26.20 -4.07
C PHE B 190 -19.40 -26.86 -5.45
N ALA B 191 -20.55 -27.11 -6.05
CA ALA B 191 -20.62 -27.56 -7.43
C ALA B 191 -20.66 -26.34 -8.35
N ILE B 192 -20.21 -26.54 -9.59
CA ILE B 192 -20.14 -25.47 -10.57
C ILE B 192 -21.02 -25.86 -11.75
N ILE B 193 -22.12 -25.14 -11.94
CA ILE B 193 -23.00 -25.39 -13.06
C ILE B 193 -22.26 -25.05 -14.35
N GLN B 194 -22.09 -26.05 -15.22
CA GLN B 194 -21.55 -25.70 -16.52
C GLN B 194 -22.67 -25.73 -17.56
N GLY B 195 -22.37 -26.34 -18.71
CA GLY B 195 -23.30 -26.44 -19.80
C GLY B 195 -23.30 -25.28 -20.76
N GLY B 196 -22.41 -24.30 -20.56
CA GLY B 196 -22.20 -23.19 -21.47
C GLY B 196 -23.43 -22.31 -21.60
N LEU B 197 -23.63 -21.81 -22.82
CA LEU B 197 -24.77 -20.96 -23.14
C LEU B 197 -25.94 -21.76 -23.71
N ASN B 198 -25.84 -23.08 -23.76
CA ASN B 198 -26.91 -23.93 -24.25
C ASN B 198 -27.91 -24.18 -23.12
N ALA B 199 -29.16 -23.78 -23.35
CA ALA B 199 -30.17 -23.90 -22.29
C ALA B 199 -30.43 -25.36 -21.93
N ASP B 200 -30.42 -26.25 -22.92
CA ASP B 200 -30.68 -27.66 -22.66
C ASP B 200 -29.55 -28.29 -21.85
N LEU B 201 -28.30 -28.09 -22.29
CA LEU B 201 -27.17 -28.66 -21.58
C LEU B 201 -27.05 -28.10 -20.17
N ARG B 202 -27.33 -26.81 -20.00
CA ARG B 202 -27.27 -26.21 -18.67
C ARG B 202 -28.41 -26.73 -17.79
N THR B 203 -29.60 -26.91 -18.37
CA THR B 203 -30.70 -27.51 -17.62
C THR B 203 -30.36 -28.94 -17.20
N THR B 204 -29.71 -29.69 -18.08
CA THR B 204 -29.24 -31.03 -17.72
C THR B 204 -28.24 -30.96 -16.56
N CYS B 205 -27.29 -30.03 -16.64
CA CYS B 205 -26.32 -29.88 -15.56
C CYS B 205 -26.99 -29.42 -14.28
N LEU B 206 -28.01 -28.56 -14.39
CA LEU B 206 -28.76 -28.15 -13.21
C LEU B 206 -29.53 -29.30 -12.60
N LYS B 207 -30.18 -30.12 -13.44
CA LYS B 207 -30.94 -31.26 -12.92
C LYS B 207 -30.02 -32.31 -12.33
N GLU B 208 -28.86 -32.54 -12.95
CA GLU B 208 -27.96 -33.58 -12.48
C GLU B 208 -27.21 -33.16 -11.22
N MET B 209 -26.66 -31.94 -11.21
CA MET B 209 -25.80 -31.54 -10.10
C MET B 209 -26.58 -31.25 -8.84
N THR B 210 -27.83 -30.80 -8.96
CA THR B 210 -28.62 -30.51 -7.77
C THR B 210 -29.05 -31.76 -7.02
N LYS B 211 -28.84 -32.95 -7.59
CA LYS B 211 -29.11 -34.19 -6.88
C LYS B 211 -28.01 -34.55 -5.89
N ARG B 212 -26.88 -33.85 -5.93
CA ARG B 212 -25.78 -34.12 -5.03
C ARG B 212 -25.93 -33.31 -3.75
N ASP B 213 -25.45 -33.88 -2.64
CA ASP B 213 -25.54 -33.22 -1.34
C ASP B 213 -24.28 -32.38 -1.13
N VAL B 214 -24.26 -31.23 -1.79
CA VAL B 214 -23.22 -30.22 -1.60
C VAL B 214 -23.85 -29.01 -0.91
N PRO B 215 -23.14 -28.36 0.02
CA PRO B 215 -23.76 -27.24 0.74
C PRO B 215 -24.07 -26.03 -0.13
N GLY B 216 -23.43 -25.89 -1.29
CA GLY B 216 -23.65 -24.72 -2.13
C GLY B 216 -23.45 -25.03 -3.59
N PHE B 217 -23.91 -24.10 -4.42
CA PHE B 217 -23.81 -24.22 -5.87
C PHE B 217 -23.27 -22.92 -6.47
N ALA B 218 -22.52 -23.06 -7.55
CA ALA B 218 -21.93 -21.94 -8.24
C ALA B 218 -22.30 -21.99 -9.72
N ILE B 219 -22.49 -20.82 -10.31
CA ILE B 219 -22.85 -20.70 -11.72
C ILE B 219 -21.57 -20.39 -12.49
N GLY B 220 -21.11 -21.35 -13.28
CA GLY B 220 -19.89 -21.22 -14.05
C GLY B 220 -20.14 -21.14 -15.55
N GLY B 221 -19.05 -20.91 -16.28
CA GLY B 221 -19.09 -20.85 -17.73
C GLY B 221 -19.60 -19.56 -18.31
N LEU B 222 -19.76 -18.51 -17.51
CA LEU B 222 -20.33 -17.24 -17.95
C LEU B 222 -19.28 -16.14 -17.86
N SER B 223 -19.66 -14.95 -18.32
CA SER B 223 -18.80 -13.77 -18.32
C SER B 223 -17.48 -14.05 -19.04
N GLY B 224 -17.60 -14.56 -20.26
CA GLY B 224 -16.42 -14.90 -21.04
C GLY B 224 -16.46 -14.35 -22.45
N GLY B 225 -17.04 -13.16 -22.62
CA GLY B 225 -17.15 -12.53 -23.91
C GLY B 225 -18.47 -12.75 -24.63
N GLU B 226 -19.39 -13.51 -24.05
CA GLU B 226 -20.67 -13.75 -24.69
C GLU B 226 -21.53 -12.49 -24.66
N SER B 227 -22.61 -12.51 -25.44
CA SER B 227 -23.55 -11.41 -25.44
C SER B 227 -24.24 -11.31 -24.09
N LYS B 228 -24.55 -10.08 -23.69
CA LYS B 228 -25.17 -9.86 -22.39
C LYS B 228 -26.57 -10.46 -22.32
N ALA B 229 -27.25 -10.59 -23.45
CA ALA B 229 -28.55 -11.25 -23.47
C ALA B 229 -28.42 -12.72 -23.10
N GLN B 230 -27.46 -13.41 -23.73
CA GLN B 230 -27.18 -14.80 -23.36
C GLN B 230 -26.64 -14.91 -21.94
N PHE B 231 -26.07 -13.84 -21.40
CA PHE B 231 -25.48 -13.90 -20.06
C PHE B 231 -26.55 -13.97 -18.99
N TRP B 232 -27.39 -12.94 -18.88
CA TRP B 232 -28.35 -12.87 -17.78
C TRP B 232 -29.42 -13.95 -17.89
N LYS B 233 -29.70 -14.43 -19.11
CA LYS B 233 -30.66 -15.50 -19.27
C LYS B 233 -30.10 -16.83 -18.76
N MET B 234 -28.80 -17.05 -18.92
CA MET B 234 -28.18 -18.24 -18.33
C MET B 234 -28.08 -18.11 -16.82
N VAL B 235 -27.98 -16.88 -16.31
CA VAL B 235 -28.04 -16.66 -14.87
C VAL B 235 -29.45 -16.94 -14.36
N ALA B 236 -30.47 -16.45 -15.07
CA ALA B 236 -31.85 -16.65 -14.64
C ALA B 236 -32.25 -18.11 -14.71
N LEU B 237 -31.80 -18.83 -15.73
CA LEU B 237 -32.06 -20.26 -15.81
C LEU B 237 -31.41 -20.99 -14.66
N SER B 238 -30.22 -20.55 -14.25
CA SER B 238 -29.52 -21.19 -13.14
C SER B 238 -30.26 -20.97 -11.83
N THR B 239 -30.57 -19.72 -11.50
CA THR B 239 -31.23 -19.42 -10.23
C THR B 239 -32.64 -19.99 -10.16
N SER B 240 -33.29 -20.23 -11.30
CA SER B 240 -34.64 -20.78 -11.29
C SER B 240 -34.65 -22.25 -10.92
N MET B 241 -33.53 -22.96 -11.08
CA MET B 241 -33.46 -24.38 -10.80
C MET B 241 -32.53 -24.72 -9.65
N LEU B 242 -31.85 -23.72 -9.06
CA LEU B 242 -30.96 -23.99 -7.93
C LEU B 242 -31.75 -23.96 -6.62
N PRO B 243 -31.32 -24.76 -5.64
CA PRO B 243 -32.03 -24.82 -4.36
C PRO B 243 -32.16 -23.44 -3.72
N LYS B 244 -33.39 -23.10 -3.31
CA LYS B 244 -33.67 -21.80 -2.72
C LYS B 244 -32.98 -21.64 -1.37
N ASP B 245 -32.78 -22.74 -0.64
CA ASP B 245 -32.21 -22.69 0.71
C ASP B 245 -30.70 -22.91 0.72
N LYS B 246 -30.05 -22.79 -0.44
CA LYS B 246 -28.60 -22.90 -0.54
C LYS B 246 -28.06 -21.72 -1.32
N PRO B 247 -26.84 -21.27 -1.01
CA PRO B 247 -26.31 -20.08 -1.68
C PRO B 247 -26.02 -20.32 -3.15
N ARG B 248 -26.15 -19.26 -3.94
CA ARG B 248 -25.84 -19.26 -5.36
C ARG B 248 -24.65 -18.33 -5.59
N TYR B 249 -23.60 -18.86 -6.18
CA TYR B 249 -22.33 -18.15 -6.38
C TYR B 249 -22.12 -17.94 -7.87
N LEU B 250 -22.08 -16.68 -8.29
CA LEU B 250 -21.83 -16.33 -9.69
C LEU B 250 -20.37 -15.92 -9.82
N MET B 251 -19.60 -16.69 -10.57
CA MET B 251 -18.16 -16.52 -10.65
C MET B 251 -17.78 -15.53 -11.74
N GLY B 252 -16.84 -14.64 -11.42
CA GLY B 252 -16.31 -13.71 -12.41
C GLY B 252 -17.22 -12.55 -12.75
N VAL B 253 -17.94 -12.02 -11.76
CA VAL B 253 -18.85 -10.89 -11.97
C VAL B 253 -18.56 -9.86 -10.88
N GLY B 254 -18.25 -8.63 -11.30
CA GLY B 254 -17.87 -7.60 -10.35
C GLY B 254 -18.25 -6.19 -10.74
N TYR B 255 -18.67 -5.98 -11.99
CA TYR B 255 -19.16 -4.68 -12.40
C TYR B 255 -20.41 -4.33 -11.61
N ALA B 256 -20.51 -3.05 -11.24
CA ALA B 256 -21.56 -2.62 -10.31
C ALA B 256 -22.95 -2.93 -10.85
N THR B 257 -23.20 -2.60 -12.12
CA THR B 257 -24.51 -2.89 -12.72
C THR B 257 -24.77 -4.39 -12.77
N ASP B 258 -23.74 -5.18 -13.09
CA ASP B 258 -23.91 -6.62 -13.15
C ASP B 258 -24.27 -7.19 -11.78
N LEU B 259 -23.68 -6.66 -10.71
CA LEU B 259 -23.98 -7.13 -9.37
C LEU B 259 -25.42 -6.82 -9.00
N VAL B 260 -25.86 -5.59 -9.25
CA VAL B 260 -27.22 -5.18 -8.91
C VAL B 260 -28.22 -6.01 -9.69
N VAL B 261 -27.95 -6.27 -10.97
CA VAL B 261 -28.88 -7.05 -11.79
C VAL B 261 -28.91 -8.50 -11.34
N CYS B 262 -27.74 -9.09 -11.08
CA CYS B 262 -27.69 -10.51 -10.76
C CYS B 262 -28.19 -10.80 -9.35
N VAL B 263 -28.13 -9.81 -8.45
CA VAL B 263 -28.81 -9.95 -7.16
C VAL B 263 -30.31 -10.03 -7.38
N ALA B 264 -30.83 -9.19 -8.28
CA ALA B 264 -32.26 -9.22 -8.59
C ALA B 264 -32.67 -10.57 -9.19
N LEU B 265 -31.75 -11.26 -9.85
CA LEU B 265 -32.05 -12.56 -10.42
C LEU B 265 -31.90 -13.70 -9.43
N GLY B 266 -31.38 -13.45 -8.24
CA GLY B 266 -31.30 -14.45 -7.20
C GLY B 266 -29.92 -14.95 -6.83
N CYS B 267 -28.86 -14.23 -7.20
CA CYS B 267 -27.50 -14.64 -6.84
C CYS B 267 -27.13 -14.08 -5.47
N ASP B 268 -26.30 -14.83 -4.75
CA ASP B 268 -25.91 -14.48 -3.39
C ASP B 268 -24.43 -14.13 -3.24
N MET B 269 -23.55 -14.75 -4.02
CA MET B 269 -22.11 -14.58 -3.87
C MET B 269 -21.50 -14.20 -5.21
N PHE B 270 -20.48 -13.34 -5.16
CA PHE B 270 -19.82 -12.88 -6.37
C PHE B 270 -18.33 -12.77 -6.10
N ASP B 271 -17.54 -12.92 -7.16
CA ASP B 271 -16.11 -12.65 -7.09
C ASP B 271 -15.66 -12.04 -8.41
N CYS B 272 -14.62 -11.21 -8.35
CA CYS B 272 -14.03 -10.61 -9.54
C CYS B 272 -12.73 -9.88 -9.21
N VAL B 273 -11.72 -9.99 -10.09
CA VAL B 273 -10.49 -9.23 -9.93
C VAL B 273 -10.64 -7.80 -10.40
N TYR B 274 -11.85 -7.40 -10.76
CA TYR B 274 -12.06 -6.06 -11.31
C TYR B 274 -11.72 -4.94 -10.34
N PRO B 275 -12.18 -4.93 -9.08
CA PRO B 275 -11.87 -3.78 -8.21
C PRO B 275 -10.40 -3.63 -7.90
N THR B 276 -9.65 -4.73 -7.84
CA THR B 276 -8.24 -4.67 -7.53
C THR B 276 -7.39 -4.26 -8.71
N ARG B 277 -7.88 -4.42 -9.94
CA ARG B 277 -7.08 -4.15 -11.12
C ARG B 277 -7.19 -2.69 -11.57
N THR B 278 -8.41 -2.17 -11.71
CA THR B 278 -8.58 -0.79 -12.14
C THR B 278 -7.97 0.20 -11.17
N ALA B 279 -7.77 -0.20 -9.91
CA ALA B 279 -7.01 0.63 -8.98
C ALA B 279 -5.58 0.83 -9.47
N ARG B 280 -5.01 -0.16 -10.14
CA ARG B 280 -3.67 0.00 -10.70
C ARG B 280 -3.69 0.92 -11.91
N PHE B 281 -4.83 1.04 -12.60
CA PHE B 281 -4.96 1.90 -13.75
C PHE B 281 -5.33 3.34 -13.38
N GLY B 282 -5.44 3.65 -12.08
CA GLY B 282 -5.75 4.99 -11.64
C GLY B 282 -7.22 5.32 -11.53
N SER B 283 -8.10 4.33 -11.66
CA SER B 283 -9.54 4.54 -11.67
C SER B 283 -10.14 4.22 -10.31
N ALA B 284 -10.99 5.12 -9.81
CA ALA B 284 -11.66 4.96 -8.53
C ALA B 284 -13.16 4.84 -8.75
N LEU B 285 -13.77 3.80 -8.18
CA LEU B 285 -15.19 3.53 -8.42
C LEU B 285 -16.06 4.50 -7.65
N VAL B 286 -17.09 5.02 -8.32
CA VAL B 286 -18.03 5.97 -7.73
C VAL B 286 -19.44 5.60 -8.18
N PRO B 287 -20.46 6.09 -7.46
CA PRO B 287 -21.84 5.77 -7.86
C PRO B 287 -22.21 6.21 -9.27
N THR B 288 -21.46 7.13 -9.87
CA THR B 288 -21.70 7.56 -11.23
C THR B 288 -20.82 6.84 -12.23
N GLY B 289 -20.08 5.82 -11.80
CA GLY B 289 -19.18 5.10 -12.67
C GLY B 289 -17.78 4.98 -12.07
N ASN B 290 -16.84 5.77 -12.59
CA ASN B 290 -15.48 5.76 -12.08
C ASN B 290 -14.82 7.10 -12.35
N LEU B 291 -13.86 7.45 -11.51
CA LEU B 291 -13.05 8.65 -11.67
C LEU B 291 -11.66 8.25 -12.17
N GLN B 292 -11.26 8.79 -13.32
CA GLN B 292 -9.92 8.57 -13.84
C GLN B 292 -8.99 9.60 -13.21
N LEU B 293 -8.56 9.28 -11.97
CA LEU B 293 -7.82 10.23 -11.16
C LEU B 293 -6.46 10.60 -11.74
N LYS B 294 -5.93 9.80 -12.67
CA LYS B 294 -4.66 10.15 -13.30
C LYS B 294 -4.81 11.32 -14.27
N LYS B 295 -6.01 11.58 -14.77
CA LYS B 295 -6.21 12.66 -15.71
C LYS B 295 -6.12 14.01 -15.02
N LYS B 296 -5.64 15.01 -15.76
CA LYS B 296 -5.30 16.31 -15.18
C LYS B 296 -6.51 17.11 -14.71
N GLN B 297 -7.74 16.67 -15.02
CA GLN B 297 -8.91 17.39 -14.55
C GLN B 297 -9.07 17.30 -13.04
N TYR B 298 -8.38 16.36 -12.38
CA TYR B 298 -8.42 16.21 -10.94
C TYR B 298 -7.20 16.78 -10.24
N ALA B 299 -6.33 17.49 -10.98
CA ALA B 299 -5.11 18.01 -10.38
C ALA B 299 -5.40 19.03 -9.30
N LYS B 300 -6.52 19.74 -9.40
CA LYS B 300 -6.91 20.74 -8.41
C LYS B 300 -8.28 20.46 -7.80
N ASP B 301 -8.75 19.21 -7.89
CA ASP B 301 -10.01 18.79 -7.30
C ASP B 301 -9.73 18.43 -5.84
N PHE B 302 -10.01 19.36 -4.93
CA PHE B 302 -9.70 19.19 -3.52
C PHE B 302 -10.84 18.58 -2.72
N SER B 303 -11.64 17.72 -3.34
CA SER B 303 -12.68 16.96 -2.66
C SER B 303 -12.30 15.48 -2.63
N PRO B 304 -12.88 14.70 -1.72
CA PRO B 304 -12.62 13.26 -1.73
C PRO B 304 -13.23 12.58 -2.94
N ILE B 305 -12.82 11.33 -3.15
CA ILE B 305 -13.42 10.51 -4.20
C ILE B 305 -14.94 10.46 -4.02
N ASN B 306 -15.37 10.08 -2.82
CA ASN B 306 -16.78 10.00 -2.46
C ASN B 306 -16.91 10.38 -0.99
N PRO B 307 -17.56 11.51 -0.69
CA PRO B 307 -17.71 11.90 0.73
C PRO B 307 -18.59 10.95 1.52
N GLU B 308 -19.40 10.13 0.86
CA GLU B 308 -20.23 9.14 1.53
C GLU B 308 -19.55 7.79 1.66
N CYS B 309 -18.29 7.67 1.22
CA CYS B 309 -17.55 6.42 1.34
C CYS B 309 -16.81 6.37 2.67
N PRO B 310 -16.92 5.27 3.43
CA PRO B 310 -16.28 5.20 4.75
C PRO B 310 -14.83 4.74 4.75
N CYS B 311 -14.24 4.50 3.58
CA CYS B 311 -12.89 3.93 3.53
C CYS B 311 -11.86 4.96 4.01
N PRO B 312 -10.68 4.48 4.43
CA PRO B 312 -9.64 5.41 4.89
C PRO B 312 -9.23 6.44 3.85
N THR B 313 -9.28 6.11 2.57
CA THR B 313 -8.85 7.05 1.53
C THR B 313 -9.79 8.25 1.47
N CYS B 314 -11.11 7.99 1.45
CA CYS B 314 -12.07 9.08 1.31
C CYS B 314 -12.24 9.87 2.60
N GLN B 315 -11.98 9.26 3.76
CA GLN B 315 -12.04 9.98 5.02
C GLN B 315 -10.81 10.83 5.28
N THR B 316 -9.77 10.73 4.45
CA THR B 316 -8.52 11.39 4.75
C THR B 316 -7.97 12.21 3.59
N HIS B 317 -8.11 11.74 2.35
CA HIS B 317 -7.39 12.33 1.23
C HIS B 317 -8.33 12.88 0.17
N SER B 318 -7.79 13.77 -0.66
CA SER B 318 -8.50 14.41 -1.75
C SER B 318 -8.12 13.77 -3.07
N ARG B 319 -8.92 14.09 -4.11
CA ARG B 319 -8.61 13.62 -5.45
C ARG B 319 -7.32 14.24 -5.96
N ALA B 320 -7.07 15.50 -5.60
CA ALA B 320 -5.87 16.18 -6.07
C ALA B 320 -4.61 15.53 -5.51
N PHE B 321 -4.62 15.15 -4.24
CA PHE B 321 -3.46 14.51 -3.65
C PHE B 321 -3.21 13.13 -4.26
N LEU B 322 -4.27 12.36 -4.49
CA LEU B 322 -4.10 11.07 -5.17
C LEU B 322 -3.61 11.25 -6.59
N HIS B 323 -4.06 12.33 -7.25
CA HIS B 323 -3.54 12.65 -8.59
C HIS B 323 -2.05 12.94 -8.54
N ALA B 324 -1.59 13.59 -7.48
CA ALA B 324 -0.16 13.88 -7.34
C ALA B 324 0.64 12.59 -7.17
N LEU B 325 0.14 11.65 -6.36
CA LEU B 325 0.85 10.40 -6.14
C LEU B 325 0.89 9.56 -7.40
N LEU B 326 -0.18 9.58 -8.19
CA LEU B 326 -0.20 8.82 -9.43
C LEU B 326 0.85 9.33 -10.41
N HIS B 327 1.23 10.59 -10.30
CA HIS B 327 2.33 11.15 -11.09
C HIS B 327 3.61 11.21 -10.25
N SER B 328 3.97 10.07 -9.66
CA SER B 328 5.18 9.94 -8.87
C SER B 328 5.52 8.46 -8.81
N ASP B 329 6.60 8.14 -8.10
CA ASP B 329 7.01 6.75 -7.90
C ASP B 329 6.42 6.14 -6.63
N ASN B 330 5.49 6.84 -5.98
CA ASN B 330 4.87 6.33 -4.76
C ASN B 330 3.99 5.13 -5.09
N THR B 331 4.33 3.97 -4.53
CA THR B 331 3.47 2.80 -4.66
C THR B 331 2.20 2.94 -3.84
N THR B 332 2.17 3.90 -2.90
CA THR B 332 1.00 4.11 -2.07
C THR B 332 -0.21 4.58 -2.87
N ALA B 333 0.02 5.13 -4.07
CA ALA B 333 -1.11 5.52 -4.92
C ALA B 333 -1.97 4.31 -5.27
N LEU B 334 -1.33 3.16 -5.50
CA LEU B 334 -2.10 1.94 -5.75
C LEU B 334 -2.77 1.43 -4.48
N HIS B 335 -2.10 1.62 -3.33
CA HIS B 335 -2.69 1.17 -2.06
C HIS B 335 -3.96 1.94 -1.74
N HIS B 336 -3.95 3.25 -1.99
CA HIS B 336 -5.12 4.08 -1.68
C HIS B 336 -6.31 3.68 -2.52
N LEU B 337 -6.10 3.45 -3.83
CA LEU B 337 -7.22 3.15 -4.71
C LEU B 337 -7.75 1.74 -4.50
N THR B 338 -6.85 0.79 -4.23
CA THR B 338 -7.30 -0.58 -3.96
C THR B 338 -8.16 -0.62 -2.70
N VAL B 339 -7.79 0.16 -1.68
CA VAL B 339 -8.59 0.23 -0.46
C VAL B 339 -9.98 0.76 -0.77
N HIS B 340 -10.05 1.86 -1.52
CA HIS B 340 -11.34 2.49 -1.82
C HIS B 340 -12.19 1.61 -2.73
N ASN B 341 -11.59 1.04 -3.77
CA ASN B 341 -12.37 0.26 -4.73
C ASN B 341 -12.97 -0.98 -4.07
N ILE B 342 -12.24 -1.61 -3.15
CA ILE B 342 -12.81 -2.71 -2.38
C ILE B 342 -13.94 -2.20 -1.49
N ALA B 343 -13.76 -1.00 -0.91
CA ALA B 343 -14.80 -0.44 -0.05
C ALA B 343 -16.05 -0.11 -0.84
N TYR B 344 -15.90 0.33 -2.10
CA TYR B 344 -17.07 0.59 -2.94
C TYR B 344 -17.88 -0.68 -3.15
N GLN B 345 -17.19 -1.80 -3.41
CA GLN B 345 -17.88 -3.06 -3.64
C GLN B 345 -18.63 -3.51 -2.39
N LEU B 346 -17.99 -3.40 -1.22
CA LEU B 346 -18.64 -3.81 0.01
C LEU B 346 -19.77 -2.86 0.39
N GLN B 347 -19.60 -1.57 0.12
CA GLN B 347 -20.66 -0.61 0.42
C GLN B 347 -21.86 -0.83 -0.49
N LEU B 348 -21.62 -1.11 -1.78
CA LEU B 348 -22.71 -1.33 -2.70
C LEU B 348 -23.53 -2.55 -2.31
N LEU B 349 -22.84 -3.66 -2.00
CA LEU B 349 -23.54 -4.90 -1.68
C LEU B 349 -24.28 -4.80 -0.34
N SER B 350 -23.73 -4.06 0.62
CA SER B 350 -24.43 -3.87 1.88
C SER B 350 -25.62 -2.94 1.72
N ALA B 351 -25.53 -1.96 0.81
CA ALA B 351 -26.68 -1.14 0.51
C ALA B 351 -27.76 -1.95 -0.20
N VAL B 352 -27.36 -2.82 -1.12
CA VAL B 352 -28.31 -3.75 -1.73
C VAL B 352 -29.00 -4.59 -0.66
N ARG B 353 -28.24 -5.08 0.31
CA ARG B 353 -28.80 -5.95 1.34
C ARG B 353 -29.77 -5.19 2.23
N SER B 354 -29.47 -3.93 2.55
CA SER B 354 -30.37 -3.14 3.38
C SER B 354 -31.70 -2.89 2.65
N SER B 355 -31.64 -2.67 1.34
CA SER B 355 -32.87 -2.46 0.58
C SER B 355 -33.74 -3.71 0.58
N ILE B 356 -33.11 -4.89 0.55
CA ILE B 356 -33.86 -6.14 0.60
C ILE B 356 -34.51 -6.31 1.98
N LEU B 357 -33.76 -6.02 3.04
CA LEU B 357 -34.31 -6.13 4.39
C LEU B 357 -35.42 -5.11 4.62
N GLU B 358 -35.35 -3.95 3.98
CA GLU B 358 -36.34 -2.90 4.15
C GLU B 358 -37.41 -2.92 3.06
N GLN B 359 -37.44 -3.96 2.23
CA GLN B 359 -38.49 -4.15 1.22
C GLN B 359 -38.58 -2.95 0.27
N ARG B 360 -37.41 -2.44 -0.14
CA ARG B 360 -37.37 -1.36 -1.11
C ARG B 360 -36.29 -1.60 -2.16
N PHE B 361 -36.08 -2.87 -2.52
CA PHE B 361 -35.06 -3.20 -3.52
C PHE B 361 -35.36 -2.61 -4.89
N PRO B 362 -36.58 -2.69 -5.44
CA PRO B 362 -36.82 -2.06 -6.74
C PRO B 362 -36.55 -0.57 -6.75
N ASP B 363 -37.02 0.15 -5.73
CA ASP B 363 -36.73 1.58 -5.64
C ASP B 363 -35.23 1.82 -5.54
N PHE B 364 -34.51 0.93 -4.86
CA PHE B 364 -33.05 1.05 -4.81
C PHE B 364 -32.44 0.83 -6.19
N VAL B 365 -32.94 -0.16 -6.93
CA VAL B 365 -32.40 -0.44 -8.26
C VAL B 365 -32.66 0.74 -9.19
N ARG B 366 -33.87 1.29 -9.16
CA ARG B 366 -34.18 2.44 -9.99
C ARG B 366 -33.27 3.62 -9.67
N ASN B 367 -32.95 3.82 -8.40
CA ASN B 367 -32.06 4.91 -8.03
C ASN B 367 -30.62 4.62 -8.44
N PHE B 368 -30.18 3.37 -8.27
CA PHE B 368 -28.83 3.00 -8.71
C PHE B 368 -28.67 3.17 -10.21
N MET B 369 -29.67 2.75 -10.99
CA MET B 369 -29.58 2.87 -12.44
C MET B 369 -29.66 4.33 -12.87
N ARG B 370 -30.49 5.13 -12.19
CA ARG B 370 -30.61 6.54 -12.54
C ARG B 370 -29.30 7.27 -12.27
N THR B 371 -28.67 7.02 -11.13
CA THR B 371 -27.42 7.67 -10.80
C THR B 371 -26.30 7.23 -11.73
N MET B 372 -26.34 5.98 -12.20
CA MET B 372 -25.24 5.44 -13.00
C MET B 372 -25.32 5.91 -14.45
N TYR B 373 -26.53 5.93 -15.04
CA TYR B 373 -26.68 6.19 -16.46
C TYR B 373 -27.50 7.44 -16.78
N GLY B 374 -28.27 7.96 -15.85
CA GLY B 374 -29.10 9.12 -16.11
C GLY B 374 -30.51 8.73 -16.48
N ASP B 375 -31.01 9.26 -17.59
CA ASP B 375 -32.32 8.88 -18.09
C ASP B 375 -32.35 7.39 -18.39
N HIS B 376 -33.52 6.77 -18.14
CA HIS B 376 -33.63 5.31 -18.24
C HIS B 376 -33.39 4.83 -19.67
N SER B 377 -33.63 5.69 -20.67
CA SER B 377 -33.38 5.30 -22.04
C SER B 377 -31.90 5.13 -22.33
N LEU B 378 -31.03 5.65 -21.47
CA LEU B 378 -29.59 5.48 -21.60
C LEU B 378 -29.07 4.27 -20.83
N CYS B 379 -29.93 3.54 -20.14
CA CYS B 379 -29.51 2.34 -19.44
C CYS B 379 -29.19 1.23 -20.44
N PRO B 380 -28.31 0.30 -20.07
CA PRO B 380 -28.00 -0.81 -20.98
C PRO B 380 -29.24 -1.66 -21.26
N ALA B 381 -29.43 -2.00 -22.54
CA ALA B 381 -30.64 -2.68 -22.95
C ALA B 381 -30.78 -4.05 -22.28
N TRP B 382 -29.65 -4.74 -22.09
CA TRP B 382 -29.70 -6.06 -21.45
C TRP B 382 -30.15 -5.94 -20.00
N ALA B 383 -29.71 -4.89 -19.31
CA ALA B 383 -30.08 -4.73 -17.90
C ALA B 383 -31.55 -4.33 -17.75
N VAL B 384 -32.08 -3.57 -18.71
CA VAL B 384 -33.49 -3.20 -18.67
C VAL B 384 -34.36 -4.44 -18.83
N GLU B 385 -34.00 -5.34 -19.75
CA GLU B 385 -34.77 -6.57 -19.92
C GLU B 385 -34.62 -7.49 -18.73
N ALA B 386 -33.40 -7.65 -18.21
CA ALA B 386 -33.18 -8.55 -17.08
C ALA B 386 -33.96 -8.10 -15.86
N LEU B 387 -33.92 -6.80 -15.56
CA LEU B 387 -34.66 -6.29 -14.41
C LEU B 387 -36.16 -6.38 -14.65
N ALA B 388 -36.61 -6.18 -15.89
CA ALA B 388 -38.03 -6.28 -16.19
C ALA B 388 -38.52 -7.72 -16.05
N SER B 389 -37.65 -8.70 -16.28
CA SER B 389 -38.04 -10.10 -16.13
C SER B 389 -38.39 -10.46 -14.70
N VAL B 390 -37.89 -9.70 -13.73
CA VAL B 390 -38.19 -9.92 -12.32
C VAL B 390 -39.04 -8.79 -11.75
N GLY B 391 -39.70 -8.02 -12.60
CA GLY B 391 -40.69 -7.06 -12.15
C GLY B 391 -40.15 -5.71 -11.72
N ILE B 392 -38.92 -5.38 -12.08
CA ILE B 392 -38.32 -4.09 -11.75
C ILE B 392 -38.32 -3.24 -13.01
N MET B 393 -39.16 -2.22 -13.04
CA MET B 393 -39.29 -1.33 -14.18
C MET B 393 -38.58 -0.02 -13.91
N LEU B 394 -38.02 0.56 -14.97
CA LEU B 394 -37.31 1.83 -14.87
C LEU B 394 -38.09 2.96 -15.52
O1 TEW C . 29.62 32.00 -11.26
O2 TEW C . 31.19 33.25 -12.98
O3 TEW C . 29.92 30.83 -13.63
O4 TEW C . 32.33 32.08 -11.02
O5 TEW C . 32.59 30.77 -13.49
O6 TEW C . 31.20 29.62 -11.44
O7 TEW C . 28.54 32.91 -13.65
O8 TEW C . 27.41 30.04 -11.43
O9 TEW C . 27.27 30.20 -13.92
O10 TEW C . 26.79 31.94 -11.92
O11 TEW C . 29.34 35.39 -13.04
O12 TEW C . 27.81 34.12 -11.31
O13 TEW C . 30.49 34.51 -10.66
O14 TEW C . 32.19 35.43 -12.52
O15 TEW C . 34.08 33.60 -12.13
O16 TEW C . 33.18 33.62 -9.79
O17 TEW C . 26.66 35.39 -13.18
O18 TEW C . 24.92 33.79 -12.24
O19 TEW C . 25.90 33.91 -14.56
O20 TEW C . 29.20 36.52 -10.62
O21 TEW C . 26.49 36.58 -10.61
O22 TEW C . 27.80 37.81 -12.68
O23 TEW C . 31.54 37.33 -13.02
O31 TEW C . 31.84 37.17 -10.53
TE1 TEW C . 29.51 33.69 -12.15
W1 TEW C . 31.35 31.08 -12.33
W2 TEW C . 28.25 30.91 -12.68
W3 TEW C . 32.58 33.99 -11.37
W4 TEW C . 26.44 33.45 -12.98
W5 TEW C . 27.68 36.31 -11.83
W6 TEW C . 30.79 36.47 -11.70
O1 TEW D . 15.72 18.93 -17.81
O2 TEW D . 16.63 18.89 -20.29
O3 TEW D . 16.04 16.52 -18.93
O4 TEW D . 18.28 19.50 -18.43
O5 TEW D . 18.63 16.94 -19.56
O6 TEW D . 17.87 17.27 -16.92
O7 TEW D . 14.12 17.82 -19.78
O8 TEW D . 14.22 17.06 -16.06
O9 TEW D . 13.67 15.52 -17.94
O10 TEW D . 13.03 18.08 -17.39
O11 TEW D . 14.26 20.13 -21.16
O12 TEW D . 13.36 20.19 -18.67
O13 TEW D . 15.84 21.27 -19.19
O14 TEW D . 16.99 20.96 -21.55
O15 TEW D . 19.36 20.14 -20.68
O16 TEW D . 18.76 21.57 -18.70
O17 TEW D . 11.68 19.57 -20.48
O18 TEW D . 10.64 18.95 -18.20
O19 TEW D . 11.19 17.52 -20.20
O20 TEW D . 13.97 22.53 -20.07
O21 TEW D . 11.40 22.18 -19.43
O22 TEW D . 12.10 21.76 -22.06
O23 TEW D . 15.80 21.91 -22.93
O31 TEW D . 16.33 23.52 -21.07
TE1 TEW D . 14.99 19.54 -19.48
W1 TEW D . 17.49 17.75 -18.53
W2 TEW D . 14.59 16.98 -17.75
W3 TEW D . 17.93 20.71 -19.94
W4 TEW D . 12.07 18.37 -18.97
W5 TEW D . 12.50 21.32 -20.45
W6 TEW D . 15.42 22.07 -21.24
ZN ZN E . 9.46 -5.84 13.43
ZN ZN F . -13.41 5.50 -0.52
C1 QEI G . -15.23 -18.24 -17.29
C2 QEI G . -15.02 -17.38 -18.58
C3 QEI G . -15.88 -19.49 -17.82
C4 QEI G . -15.60 -18.20 -19.76
C5 QEI G . -15.88 -19.54 -19.16
C6 QEI G . -16.67 -18.44 -15.33
C9 QEI G . -15.24 -20.07 -13.87
C10 QEI G . -14.24 -19.92 -12.95
C11 QEI G . -15.70 -21.40 -14.17
O1 QEI G . -13.62 -17.14 -18.82
O2 QEI G . -14.65 -18.34 -20.80
N1 QEI G . -16.08 -17.55 -16.33
C7 QEI G . -15.62 -18.76 -14.32
C8 QEI G . -14.80 -17.87 -13.64
N2 QEI G . -13.97 -18.60 -12.80
N3 QEI G . -13.59 -20.90 -12.26
C12 QEI G . -14.00 -22.10 -12.55
N5 QEI G . -13.44 -23.16 -11.93
N4 QEI G . -15.00 -22.37 -13.45
O3 QEI G . -16.57 -21.69 -14.97
P1 2I2 H . -2.76 12.28 -21.18
O1 2I2 H . -0.04 12.88 -24.36
O2 2I2 H . 1.74 13.57 -22.48
O3 2I2 H . 0.11 16.40 -20.43
P2 2I2 H . 0.35 12.64 -19.10
O4 2I2 H . -2.52 16.34 -20.92
O5 2I2 H . -4.16 14.61 -18.24
O6 2I2 H . -2.32 13.98 -16.40
O10 2I2 H . 1.25 8.94 -20.81
O11 2I2 H . -4.20 11.99 -21.42
O12 2I2 H . 1.37 13.30 -18.21
O13 2I2 H . -0.80 14.68 -22.35
O14 2I2 H . 0.02 13.49 -20.35
O15 2I2 H . -1.97 12.43 -22.47
O16 2I2 H . 0.36 11.26 -22.09
O17 2I2 H . -1.43 15.05 -18.70
O18 2I2 H . -2.65 13.59 -20.36
O19 2I2 H . -3.38 12.03 -18.19
O20 2I2 H . -0.92 12.41 -18.31
O21 2I2 H . -0.90 9.39 -19.14
O22 2I2 H . -2.05 11.15 -20.39
O23 2I2 H . 0.84 11.32 -19.56
O7 2I2 H . -1.85 10.18 -16.67
O8 2I2 H . -3.60 9.38 -18.55
O9 2I2 H . -1.18 8.95 -21.88
W1 2I2 H . 0.11 13.03 -22.65
W2 2I2 H . -1.19 15.31 -20.61
W3 2I2 H . -2.68 13.81 -18.04
W4 2I2 H . -2.30 10.46 -18.35
W5 2I2 H . -0.18 9.89 -20.88
#